data_2H5G
#
_entry.id   2H5G
#
_cell.length_a   122.022
_cell.length_b   137.402
_cell.length_c   72.057
_cell.angle_alpha   90.00
_cell.angle_beta   90.00
_cell.angle_gamma   90.00
#
_symmetry.space_group_name_H-M   'P 21 21 2'
#
loop_
_entity.id
_entity.type
_entity.pdbx_description
1 polymer 'Delta 1-pyrroline-5-carboxylate synthetase'
2 non-polymer 'SULFATE ION'
3 water water
#
_entity_poly.entity_id   1
_entity_poly.type   'polypeptide(L)'
_entity_poly.pdbx_seq_one_letter_code
;(MSE)HHHHHHSSGVDLGTENLYFQS(MSE)VKPAGPTVEQQGE(MSE)ARSGGR(MSE)LATLEPEQRAEIIHHLADLL
TDQRDEILLANKKDLEEAEGRLAAPLLKRLSLSTSKLNSLAIGLRQIAASSQDSVGRVLRRTRIAKNLELEQVTVPIGVL
LVIFESRPDCLPQVAALAIASGNGLLLKGGKEAAHSNRILHLLTQEALSIHGVKEAVQLVNTREEVEDLCRLDK(MSE)I
DLIIPRGSSQLVRDIQKAAKGIPV(MSE)GHSEGICH(MSE)YVDSEASVDKVTRLVRDSKCEYPAACNALETLLIHRDL
LRTPLFDQIID(MSE)LRVEQVKIHAGPKFASYLTFSPSEVKSLRTEYGDLELCIEVVDNVQDAIDHIHKYGSSHTDVIV
TEDENTAEFFLQHVDSACVFWNASTRFSDGYRFGLGAEVGISTSRIHARGPVGLEGLLTTKWLLRGKDHVVSDFSEHGSL
KYLHENLPIPQRNTN
;
_entity_poly.pdbx_strand_id   A,B
#
# COMPACT_ATOMS: atom_id res chain seq x y z
N PRO A 29 6.67 -19.42 -42.37
CA PRO A 29 6.99 -20.82 -42.65
C PRO A 29 5.73 -21.67 -42.76
N THR A 30 5.85 -22.78 -43.46
CA THR A 30 4.77 -23.74 -43.59
C THR A 30 4.62 -24.54 -42.28
N VAL A 31 3.46 -25.14 -42.07
CA VAL A 31 3.19 -25.86 -40.83
C VAL A 31 4.09 -27.12 -40.71
N GLU A 32 4.46 -27.69 -41.85
CA GLU A 32 5.42 -28.79 -41.91
C GLU A 32 6.82 -28.34 -41.48
N GLN A 33 7.21 -27.14 -41.89
CA GLN A 33 8.48 -26.54 -41.47
C GLN A 33 8.48 -26.17 -39.98
N GLN A 34 7.33 -25.72 -39.48
CA GLN A 34 7.16 -25.46 -38.07
C GLN A 34 7.32 -26.74 -37.26
N GLY A 35 6.73 -27.83 -37.76
CA GLY A 35 6.88 -29.14 -37.15
C GLY A 35 8.35 -29.53 -37.03
N GLU A 36 9.09 -29.37 -38.13
CA GLU A 36 10.51 -29.72 -38.17
C GLU A 36 11.37 -28.84 -37.24
N ALA A 38 10.18 -27.22 -34.48
CA ALA A 38 9.82 -27.59 -33.12
C ALA A 38 10.54 -28.86 -32.73
N ARG A 39 10.70 -29.78 -33.67
CA ARG A 39 11.34 -31.03 -33.37
C ARG A 39 12.81 -30.85 -33.11
N SER A 40 13.46 -30.10 -33.98
CA SER A 40 14.88 -29.85 -33.81
C SER A 40 15.15 -28.96 -32.58
N GLY A 41 14.30 -27.96 -32.37
CA GLY A 41 14.39 -27.11 -31.16
C GLY A 41 14.14 -27.90 -29.88
N GLY A 42 13.22 -28.85 -29.96
CA GLY A 42 12.92 -29.75 -28.83
C GLY A 42 14.15 -30.55 -28.47
N ARG A 43 14.76 -31.16 -29.49
CA ARG A 43 15.94 -31.99 -29.29
C ARG A 43 17.13 -31.21 -28.71
N LEU A 45 16.75 -28.44 -26.83
CA LEU A 45 16.32 -28.23 -25.43
C LEU A 45 16.67 -29.38 -24.53
N ALA A 46 16.38 -30.58 -24.99
CA ALA A 46 16.69 -31.78 -24.20
C ALA A 46 18.19 -31.99 -23.99
N THR A 47 19.04 -31.45 -24.86
CA THR A 47 20.49 -31.63 -24.68
C THR A 47 21.15 -30.54 -23.84
N LEU A 48 20.43 -29.45 -23.58
CA LEU A 48 20.84 -28.44 -22.60
C LEU A 48 21.00 -29.05 -21.17
N GLU A 49 21.78 -28.39 -20.33
CA GLU A 49 21.86 -28.76 -18.92
C GLU A 49 20.53 -28.40 -18.26
N PRO A 50 20.09 -29.18 -17.24
CA PRO A 50 18.82 -28.83 -16.60
C PRO A 50 18.73 -27.37 -16.14
N GLU A 51 19.83 -26.86 -15.62
CA GLU A 51 19.90 -25.49 -15.12
C GLU A 51 19.64 -24.44 -16.19
N GLN A 52 19.97 -24.78 -17.44
CA GLN A 52 19.76 -23.87 -18.58
C GLN A 52 18.28 -23.85 -18.97
N ARG A 53 17.62 -25.00 -18.92
CA ARG A 53 16.16 -25.03 -19.13
C ARG A 53 15.45 -24.26 -18.02
N ALA A 54 15.91 -24.43 -16.79
CA ALA A 54 15.35 -23.66 -15.65
C ALA A 54 15.55 -22.15 -15.89
N GLU A 55 16.72 -21.79 -16.41
CA GLU A 55 17.06 -20.40 -16.68
C GLU A 55 16.09 -19.76 -17.69
N ILE A 56 15.77 -20.50 -18.74
CA ILE A 56 14.79 -20.01 -19.71
C ILE A 56 13.45 -19.76 -19.02
N ILE A 57 13.05 -20.66 -18.14
CA ILE A 57 11.71 -20.58 -17.51
C ILE A 57 11.68 -19.42 -16.50
N HIS A 58 12.76 -19.24 -15.73
CA HIS A 58 12.90 -18.09 -14.82
C HIS A 58 12.82 -16.77 -15.61
N HIS A 59 13.49 -16.72 -16.74
CA HIS A 59 13.45 -15.51 -17.56
C HIS A 59 12.03 -15.23 -18.04
N LEU A 60 11.33 -16.29 -18.50
CA LEU A 60 9.97 -16.10 -18.97
C LEU A 60 9.12 -15.55 -17.83
N ALA A 61 9.25 -16.15 -16.64
CA ALA A 61 8.50 -15.68 -15.47
C ALA A 61 8.76 -14.20 -15.20
N ASP A 62 10.02 -13.75 -15.29
CA ASP A 62 10.36 -12.34 -15.09
C ASP A 62 9.72 -11.45 -16.13
N LEU A 63 9.70 -11.94 -17.38
CA LEU A 63 9.10 -11.18 -18.48
C LEU A 63 7.62 -10.99 -18.31
N LEU A 64 6.93 -12.00 -17.77
CA LEU A 64 5.50 -11.86 -17.46
C LEU A 64 5.20 -10.71 -16.52
N THR A 65 6.10 -10.50 -15.56
CA THR A 65 5.97 -9.43 -14.59
C THR A 65 6.45 -8.11 -15.20
N ASP A 66 7.66 -8.09 -15.73
CA ASP A 66 8.25 -6.87 -16.28
C ASP A 66 7.39 -6.29 -17.39
N GLN A 67 6.83 -7.15 -18.23
CA GLN A 67 6.06 -6.70 -19.38
C GLN A 67 4.58 -6.72 -19.12
N ARG A 68 4.14 -6.69 -17.85
CA ARG A 68 2.70 -6.79 -17.56
C ARG A 68 1.85 -5.77 -18.31
N ASP A 69 2.31 -4.53 -18.39
CA ASP A 69 1.52 -3.49 -19.01
C ASP A 69 1.25 -3.75 -20.49
N GLU A 70 2.25 -4.22 -21.21
CA GLU A 70 2.05 -4.56 -22.59
C GLU A 70 1.17 -5.79 -22.77
N ILE A 71 1.38 -6.78 -21.93
CA ILE A 71 0.52 -7.96 -21.93
C ILE A 71 -0.94 -7.54 -21.78
N LEU A 72 -1.21 -6.65 -20.82
CA LEU A 72 -2.58 -6.27 -20.50
C LEU A 72 -3.18 -5.42 -21.61
N LEU A 73 -2.34 -4.64 -22.29
CA LEU A 73 -2.75 -3.81 -23.39
C LEU A 73 -3.20 -4.68 -24.56
N ALA A 74 -2.43 -5.73 -24.86
CA ALA A 74 -2.76 -6.67 -25.93
C ALA A 74 -4.01 -7.48 -25.57
N ASN A 75 -4.12 -7.87 -24.31
CA ASN A 75 -5.33 -8.55 -23.86
C ASN A 75 -6.54 -7.63 -23.92
N LYS A 76 -6.36 -6.35 -23.58
CA LYS A 76 -7.44 -5.36 -23.71
C LYS A 76 -7.95 -5.28 -25.14
N LYS A 77 -7.04 -5.33 -26.11
CA LYS A 77 -7.45 -5.28 -27.51
C LYS A 77 -8.33 -6.48 -27.85
N ASP A 78 -7.93 -7.67 -27.39
CA ASP A 78 -8.68 -8.93 -27.61
C ASP A 78 -10.08 -8.83 -27.04
N LEU A 79 -10.16 -8.34 -25.80
CA LEU A 79 -11.41 -8.16 -25.08
C LEU A 79 -12.35 -7.18 -25.76
N GLU A 80 -11.79 -6.09 -26.27
CA GLU A 80 -12.58 -5.08 -26.95
C GLU A 80 -13.11 -5.60 -28.30
N GLU A 81 -12.27 -6.35 -29.01
CA GLU A 81 -12.71 -6.99 -30.25
C GLU A 81 -13.72 -8.13 -30.00
N ALA A 82 -13.69 -8.69 -28.79
CA ALA A 82 -14.58 -9.79 -28.42
C ALA A 82 -15.91 -9.33 -27.87
N GLU A 83 -15.89 -8.15 -27.25
CA GLU A 83 -17.06 -7.55 -26.60
C GLU A 83 -18.26 -7.52 -27.55
N GLY A 84 -19.33 -8.17 -27.09
CA GLY A 84 -20.62 -8.22 -27.76
C GLY A 84 -20.75 -9.34 -28.77
N ARG A 85 -19.64 -10.06 -28.99
CA ARG A 85 -19.54 -10.98 -30.12
C ARG A 85 -19.05 -12.40 -29.79
N LEU A 86 -18.06 -12.53 -28.93
CA LEU A 86 -17.52 -13.84 -28.59
C LEU A 86 -18.47 -14.55 -27.60
N ALA A 87 -18.66 -15.86 -27.78
CA ALA A 87 -19.56 -16.61 -26.92
C ALA A 87 -19.08 -16.52 -25.46
N ALA A 88 -20.04 -16.35 -24.55
CA ALA A 88 -19.75 -16.15 -23.12
C ALA A 88 -18.76 -17.17 -22.51
N PRO A 89 -18.92 -18.50 -22.79
CA PRO A 89 -17.88 -19.42 -22.32
C PRO A 89 -16.45 -19.06 -22.75
N LEU A 90 -16.26 -18.67 -24.01
CA LEU A 90 -14.95 -18.30 -24.50
C LEU A 90 -14.54 -16.94 -23.96
N LEU A 91 -15.49 -16.02 -23.90
CA LEU A 91 -15.23 -14.69 -23.39
C LEU A 91 -14.74 -14.69 -21.94
N LYS A 92 -15.37 -15.49 -21.10
CA LYS A 92 -14.99 -15.54 -19.68
C LYS A 92 -13.54 -15.97 -19.54
N ARG A 93 -13.10 -16.87 -20.42
CA ARG A 93 -11.71 -17.40 -20.37
C ARG A 93 -10.70 -16.50 -21.09
N LEU A 94 -11.15 -15.36 -21.59
CA LEU A 94 -10.28 -14.54 -22.44
C LEU A 94 -9.44 -13.53 -21.68
N SER A 95 -9.92 -13.10 -20.51
CA SER A 95 -9.27 -12.00 -19.81
C SER A 95 -8.02 -12.46 -19.11
N LEU A 96 -7.03 -11.58 -19.11
CA LEU A 96 -5.81 -11.76 -18.33
C LEU A 96 -5.76 -10.64 -17.31
N SER A 97 -5.64 -10.99 -16.05
CA SER A 97 -5.58 -10.01 -14.97
C SER A 97 -4.17 -9.90 -14.45
N THR A 98 -3.89 -8.78 -13.79
CA THR A 98 -2.61 -8.56 -13.13
C THR A 98 -2.34 -9.70 -12.12
N SER A 99 -3.43 -10.19 -11.51
CA SER A 99 -3.45 -11.27 -10.54
C SER A 99 -3.02 -12.60 -11.17
N LYS A 100 -3.67 -12.94 -12.28
CA LYS A 100 -3.40 -14.16 -13.03
C LYS A 100 -1.94 -14.19 -13.49
N LEU A 101 -1.48 -13.08 -14.04
CA LEU A 101 -0.09 -12.97 -14.48
C LEU A 101 0.84 -13.20 -13.30
N ASN A 102 0.43 -12.77 -12.10
CA ASN A 102 1.27 -12.91 -10.90
C ASN A 102 1.39 -14.37 -10.48
N SER A 103 0.29 -15.10 -10.57
CA SER A 103 0.28 -16.54 -10.29
C SER A 103 1.00 -17.37 -11.34
N LEU A 104 0.87 -16.98 -12.62
CA LEU A 104 1.71 -17.58 -13.67
C LEU A 104 3.18 -17.47 -13.37
N ALA A 105 3.61 -16.26 -13.06
CA ALA A 105 5.01 -16.03 -12.74
C ALA A 105 5.40 -16.88 -11.53
N ILE A 106 4.57 -16.91 -10.48
CA ILE A 106 4.89 -17.77 -9.33
C ILE A 106 4.96 -19.25 -9.77
N GLY A 107 3.99 -19.68 -10.59
CA GLY A 107 3.93 -21.09 -11.02
C GLY A 107 5.13 -21.44 -11.89
N LEU A 108 5.48 -20.57 -12.83
CA LEU A 108 6.69 -20.83 -13.65
C LEU A 108 7.95 -20.92 -12.83
N ARG A 109 8.09 -20.10 -11.78
CA ARG A 109 9.28 -20.25 -10.94
C ARG A 109 9.29 -21.59 -10.17
N GLN A 110 8.12 -22.07 -9.75
CA GLN A 110 8.04 -23.39 -9.11
C GLN A 110 8.50 -24.49 -10.07
N ILE A 111 8.09 -24.42 -11.33
CA ILE A 111 8.57 -25.38 -12.37
C ILE A 111 10.08 -25.27 -12.52
N ALA A 112 10.59 -24.05 -12.72
CA ALA A 112 12.02 -23.88 -12.87
C ALA A 112 12.77 -24.50 -11.68
N ALA A 113 12.29 -24.28 -10.46
CA ALA A 113 13.01 -24.73 -9.26
C ALA A 113 12.90 -26.23 -8.98
N SER A 114 11.91 -26.90 -9.58
CA SER A 114 11.61 -28.27 -9.24
C SER A 114 11.85 -29.29 -10.37
N SER A 115 12.34 -28.82 -11.51
CA SER A 115 12.34 -29.64 -12.71
C SER A 115 13.74 -30.19 -13.07
N GLN A 116 14.71 -30.07 -12.19
CA GLN A 116 16.07 -30.34 -12.62
C GLN A 116 16.45 -31.80 -12.85
N ASP A 117 15.78 -32.69 -12.17
CA ASP A 117 16.04 -34.09 -12.36
C ASP A 117 15.06 -34.79 -13.28
N SER A 118 14.31 -34.03 -14.04
CA SER A 118 13.15 -34.52 -14.75
C SER A 118 13.47 -35.36 -15.96
N VAL A 119 14.33 -34.81 -16.82
CA VAL A 119 14.69 -35.40 -18.08
C VAL A 119 15.97 -36.21 -17.90
N GLY A 120 15.96 -37.47 -18.36
CA GLY A 120 17.14 -38.35 -18.21
C GLY A 120 17.19 -38.95 -16.81
N ARG A 121 16.09 -38.87 -16.06
CA ARG A 121 16.07 -39.47 -14.73
C ARG A 121 16.12 -41.01 -14.84
N VAL A 122 16.97 -41.65 -14.03
CA VAL A 122 17.06 -43.11 -14.02
C VAL A 122 15.94 -43.75 -13.18
N LEU A 123 15.11 -44.55 -13.84
CA LEU A 123 13.98 -45.19 -13.19
C LEU A 123 14.31 -46.57 -12.69
N ARG A 124 15.09 -47.30 -13.49
CA ARG A 124 15.50 -48.65 -13.17
C ARG A 124 16.94 -48.80 -13.60
N ARG A 125 17.67 -49.59 -12.85
CA ARG A 125 19.05 -49.93 -13.16
C ARG A 125 19.23 -51.38 -12.74
N THR A 126 19.50 -52.24 -13.71
CA THR A 126 19.65 -53.68 -13.45
C THR A 126 20.87 -54.28 -14.15
N ARG A 127 21.66 -55.01 -13.38
CA ARG A 127 22.69 -55.85 -13.97
C ARG A 127 22.02 -57.16 -14.41
N ILE A 128 21.73 -57.24 -15.70
CA ILE A 128 21.07 -58.39 -16.28
C ILE A 128 21.96 -59.63 -16.11
N ALA A 129 23.24 -59.47 -16.43
CA ALA A 129 24.23 -60.53 -16.32
C ALA A 129 25.58 -59.83 -16.21
N LYS A 130 26.63 -60.57 -15.85
CA LYS A 130 27.96 -59.98 -15.86
C LYS A 130 28.19 -59.30 -17.21
N ASN A 131 28.59 -58.02 -17.15
CA ASN A 131 28.87 -57.20 -18.33
C ASN A 131 27.66 -56.97 -19.22
N LEU A 132 26.46 -57.09 -18.65
CA LEU A 132 25.25 -56.78 -19.40
C LEU A 132 24.30 -55.95 -18.51
N GLU A 133 24.32 -54.63 -18.77
CA GLU A 133 23.74 -53.62 -17.88
C GLU A 133 22.56 -52.94 -18.50
N LEU A 134 21.46 -52.87 -17.76
CA LEU A 134 20.27 -52.21 -18.26
C LEU A 134 19.94 -50.98 -17.42
N GLU A 135 19.43 -49.93 -18.06
CA GLU A 135 18.80 -48.83 -17.34
C GLU A 135 17.55 -48.41 -18.09
N GLN A 136 16.56 -47.92 -17.36
CA GLN A 136 15.37 -47.31 -17.94
C GLN A 136 15.40 -45.84 -17.56
N VAL A 137 15.29 -44.94 -18.54
CA VAL A 137 15.40 -43.50 -18.24
C VAL A 137 14.22 -42.72 -18.81
N THR A 138 13.97 -41.51 -18.27
CA THR A 138 12.93 -40.62 -18.86
C THR A 138 13.48 -39.88 -20.07
N VAL A 139 12.63 -39.67 -21.08
CA VAL A 139 13.01 -38.91 -22.26
C VAL A 139 11.76 -38.08 -22.63
N PRO A 140 11.92 -37.00 -23.42
CA PRO A 140 10.72 -36.25 -23.82
C PRO A 140 9.82 -37.08 -24.74
N ILE A 141 8.54 -36.74 -24.75
CA ILE A 141 7.60 -37.39 -25.62
C ILE A 141 7.95 -37.01 -27.07
N GLY A 142 8.43 -35.79 -27.29
CA GLY A 142 8.89 -35.39 -28.63
C GLY A 142 8.38 -34.01 -28.96
N VAL A 143 7.33 -33.97 -29.78
CA VAL A 143 6.71 -32.69 -30.13
C VAL A 143 5.25 -32.70 -29.75
N LEU A 144 4.83 -31.66 -29.02
CA LEU A 144 3.45 -31.51 -28.57
C LEU A 144 2.72 -30.51 -29.45
N LEU A 145 1.43 -30.76 -29.70
CA LEU A 145 0.54 -29.76 -30.29
C LEU A 145 -0.53 -29.42 -29.27
N VAL A 146 -0.56 -28.16 -28.86
CA VAL A 146 -1.61 -27.69 -27.95
C VAL A 146 -2.57 -26.84 -28.78
N ILE A 147 -3.84 -27.26 -28.80
CA ILE A 147 -4.91 -26.58 -29.55
C ILE A 147 -5.87 -26.01 -28.50
N PHE A 148 -5.82 -24.69 -28.32
CA PHE A 148 -6.64 -24.06 -27.31
C PHE A 148 -7.50 -22.95 -27.88
N GLU A 149 -8.74 -22.89 -27.43
CA GLU A 149 -9.59 -21.75 -27.69
C GLU A 149 -9.62 -20.80 -26.55
N SER A 150 -9.64 -19.51 -26.85
CA SER A 150 -9.55 -18.50 -25.81
C SER A 150 -8.30 -18.81 -24.93
N ARG A 151 -8.43 -18.72 -23.61
CA ARG A 151 -7.34 -19.12 -22.66
C ARG A 151 -5.91 -18.64 -22.96
N PRO A 152 -5.71 -17.34 -23.19
CA PRO A 152 -4.28 -16.98 -23.38
C PRO A 152 -3.39 -17.36 -22.18
N ASP A 153 -3.99 -17.46 -20.99
CA ASP A 153 -3.19 -17.82 -19.80
C ASP A 153 -2.59 -19.24 -19.85
N CYS A 154 -3.08 -20.10 -20.74
CA CYS A 154 -2.46 -21.42 -20.82
C CYS A 154 -1.18 -21.41 -21.65
N LEU A 155 -0.99 -20.40 -22.50
CA LEU A 155 0.21 -20.39 -23.34
C LEU A 155 1.48 -20.48 -22.49
N PRO A 156 1.69 -19.54 -21.54
CA PRO A 156 2.92 -19.64 -20.72
C PRO A 156 3.02 -20.91 -19.90
N GLN A 157 1.90 -21.46 -19.45
CA GLN A 157 1.89 -22.73 -18.69
C GLN A 157 2.38 -23.88 -19.56
N VAL A 158 1.85 -24.02 -20.77
CA VAL A 158 2.22 -25.17 -21.54
C VAL A 158 3.63 -24.99 -22.11
N ALA A 159 4.01 -23.75 -22.40
CA ALA A 159 5.36 -23.52 -22.89
C ALA A 159 6.40 -23.84 -21.82
N ALA A 160 6.20 -23.35 -20.59
CA ALA A 160 7.14 -23.64 -19.50
C ALA A 160 7.20 -25.13 -19.21
N LEU A 161 6.05 -25.82 -19.31
CA LEU A 161 6.04 -27.27 -19.00
C LEU A 161 6.77 -28.05 -20.10
N ALA A 162 6.60 -27.62 -21.35
CA ALA A 162 7.28 -28.27 -22.48
C ALA A 162 8.79 -28.05 -22.35
N ILE A 163 9.18 -26.79 -22.15
CA ILE A 163 10.59 -26.44 -21.93
C ILE A 163 11.23 -27.29 -20.84
N ALA A 164 10.56 -27.41 -19.69
CA ALA A 164 11.09 -28.15 -18.57
C ALA A 164 11.19 -29.64 -18.84
N SER A 165 10.40 -30.14 -19.79
CA SER A 165 10.42 -31.58 -20.06
C SER A 165 11.20 -31.91 -21.36
N GLY A 166 11.81 -30.90 -21.97
CA GLY A 166 12.64 -31.13 -23.17
C GLY A 166 11.85 -31.33 -24.43
N ASN A 167 10.61 -30.83 -24.48
CA ASN A 167 9.71 -31.12 -25.62
C ASN A 167 9.71 -29.96 -26.59
N GLY A 168 9.43 -30.25 -27.87
CA GLY A 168 9.09 -29.24 -28.83
C GLY A 168 7.60 -28.95 -28.76
N LEU A 169 7.20 -27.74 -29.18
CA LEU A 169 5.79 -27.37 -29.00
C LEU A 169 5.25 -26.53 -30.13
N LEU A 170 4.06 -26.91 -30.60
CA LEU A 170 3.33 -26.07 -31.54
C LEU A 170 2.09 -25.62 -30.82
N LEU A 171 1.80 -24.32 -30.91
CA LEU A 171 0.65 -23.72 -30.24
C LEU A 171 -0.35 -23.30 -31.29
N LYS A 172 -1.58 -23.81 -31.18
CA LYS A 172 -2.64 -23.38 -32.11
C LYS A 172 -3.76 -22.76 -31.29
N GLY A 173 -3.80 -21.43 -31.30
CA GLY A 173 -4.78 -20.66 -30.55
C GLY A 173 -5.88 -20.18 -31.44
N GLY A 174 -6.88 -19.48 -30.88
CA GLY A 174 -8.00 -18.95 -31.69
C GLY A 174 -7.85 -17.49 -32.08
N LYS A 175 -8.65 -17.04 -33.03
CA LYS A 175 -8.65 -15.63 -33.45
C LYS A 175 -8.92 -14.70 -32.26
N GLU A 176 -9.84 -15.12 -31.40
CA GLU A 176 -10.28 -14.32 -30.24
C GLU A 176 -9.13 -13.92 -29.28
N ALA A 177 -8.04 -14.71 -29.26
CA ALA A 177 -6.91 -14.46 -28.36
C ALA A 177 -5.62 -14.05 -29.07
N ALA A 178 -5.73 -13.66 -30.33
CA ALA A 178 -4.58 -13.40 -31.20
C ALA A 178 -3.57 -12.43 -30.63
N HIS A 179 -4.02 -11.33 -30.02
CA HIS A 179 -3.09 -10.29 -29.52
C HIS A 179 -2.37 -10.75 -28.28
N SER A 180 -3.12 -11.40 -27.39
CA SER A 180 -2.57 -11.96 -26.17
C SER A 180 -1.56 -13.06 -26.50
N ASN A 181 -1.99 -14.05 -27.28
CA ASN A 181 -1.12 -15.16 -27.67
C ASN A 181 0.12 -14.66 -28.39
N ARG A 182 -0.04 -13.67 -29.28
CA ARG A 182 1.09 -13.11 -29.99
C ARG A 182 2.18 -12.59 -29.05
N ILE A 183 1.78 -11.77 -28.06
CA ILE A 183 2.77 -11.20 -27.14
C ILE A 183 3.36 -12.27 -26.22
N LEU A 184 2.53 -13.20 -25.75
CA LEU A 184 2.98 -14.26 -24.85
C LEU A 184 3.98 -15.19 -25.56
N HIS A 185 3.73 -15.44 -26.84
CA HIS A 185 4.64 -16.24 -27.64
C HIS A 185 5.98 -15.49 -27.85
N LEU A 186 5.87 -14.20 -28.20
CA LEU A 186 7.04 -13.34 -28.36
C LEU A 186 7.95 -13.43 -27.12
N LEU A 187 7.35 -13.25 -25.95
CA LEU A 187 8.11 -13.28 -24.72
C LEU A 187 8.74 -14.66 -24.48
N THR A 188 8.02 -15.73 -24.84
CA THR A 188 8.53 -17.08 -24.67
C THR A 188 9.79 -17.26 -25.52
N GLN A 189 9.73 -16.72 -26.73
CA GLN A 189 10.82 -16.81 -27.69
C GLN A 189 12.02 -15.98 -27.27
N GLU A 190 11.76 -14.82 -26.66
CA GLU A 190 12.80 -14.01 -26.03
C GLU A 190 13.50 -14.80 -24.91
N ALA A 191 12.74 -15.54 -24.09
CA ALA A 191 13.29 -16.37 -23.02
C ALA A 191 14.15 -17.51 -23.59
N LEU A 192 13.64 -18.18 -24.62
CA LEU A 192 14.34 -19.27 -25.30
C LEU A 192 15.63 -18.81 -25.97
N SER A 193 15.64 -17.57 -26.47
CA SER A 193 16.79 -17.07 -27.20
C SER A 193 18.09 -17.10 -26.39
N ILE A 194 17.98 -17.01 -25.06
CA ILE A 194 19.20 -16.98 -24.22
C ILE A 194 20.04 -18.25 -24.40
N HIS A 195 19.41 -19.36 -24.78
CA HIS A 195 20.15 -20.58 -25.13
C HIS A 195 19.92 -21.02 -26.58
N GLY A 196 19.46 -20.09 -27.41
CA GLY A 196 19.43 -20.30 -28.86
C GLY A 196 18.41 -21.32 -29.31
N VAL A 197 17.32 -21.44 -28.55
CA VAL A 197 16.32 -22.45 -28.82
C VAL A 197 14.94 -21.85 -29.07
N LYS A 198 14.91 -20.69 -29.69
CA LYS A 198 13.64 -20.08 -30.08
C LYS A 198 12.74 -21.04 -30.86
N GLU A 199 13.35 -21.84 -31.74
CA GLU A 199 12.60 -22.74 -32.64
C GLU A 199 11.74 -23.78 -31.94
N ALA A 200 12.02 -24.01 -30.66
CA ALA A 200 11.36 -25.06 -29.87
C ALA A 200 9.88 -24.77 -29.67
N VAL A 201 9.48 -23.49 -29.71
CA VAL A 201 8.07 -23.18 -29.48
C VAL A 201 7.54 -22.43 -30.67
N GLN A 202 6.68 -23.09 -31.44
CA GLN A 202 6.15 -22.50 -32.65
C GLN A 202 4.71 -22.05 -32.44
N LEU A 203 4.35 -20.92 -33.02
CA LEU A 203 2.96 -20.44 -33.02
C LEU A 203 2.37 -20.73 -34.39
N VAL A 204 1.31 -21.51 -34.41
CA VAL A 204 0.72 -21.93 -35.67
C VAL A 204 -0.29 -20.85 -36.09
N ASN A 205 -0.22 -20.45 -37.35
CA ASN A 205 -1.11 -19.41 -37.89
C ASN A 205 -2.56 -19.85 -37.80
N THR A 206 -3.43 -18.96 -37.36
CA THR A 206 -4.84 -19.31 -37.21
C THR A 206 -5.44 -19.70 -38.58
N ARG A 207 -4.64 -19.54 -39.63
CA ARG A 207 -4.98 -19.98 -40.97
C ARG A 207 -5.22 -21.49 -41.02
N GLU A 208 -4.43 -22.25 -40.29
CA GLU A 208 -4.46 -23.68 -40.47
C GLU A 208 -5.65 -24.35 -39.80
N GLU A 209 -6.11 -25.42 -40.41
CA GLU A 209 -7.29 -26.14 -39.94
C GLU A 209 -6.91 -27.38 -39.11
N VAL A 210 -7.88 -27.89 -38.36
CA VAL A 210 -7.71 -29.11 -37.58
C VAL A 210 -8.30 -30.31 -38.33
N LYS A 218 3.26 -38.12 -37.92
CA LYS A 218 4.68 -38.25 -38.26
C LYS A 218 5.49 -37.08 -37.69
N ILE A 220 3.83 -34.82 -35.04
CA ILE A 220 3.36 -34.57 -33.69
C ILE A 220 3.22 -35.87 -32.92
N ASP A 221 3.71 -35.88 -31.69
CA ASP A 221 3.60 -37.08 -30.87
C ASP A 221 2.40 -37.05 -29.92
N LEU A 222 1.84 -35.86 -29.66
CA LEU A 222 0.74 -35.73 -28.70
C LEU A 222 -0.06 -34.48 -28.98
N ILE A 223 -1.38 -34.62 -28.98
CA ILE A 223 -2.28 -33.46 -29.06
C ILE A 223 -2.94 -33.20 -27.72
N ILE A 224 -2.92 -31.95 -27.31
CA ILE A 224 -3.55 -31.55 -26.05
C ILE A 224 -4.58 -30.47 -26.38
N PRO A 225 -5.87 -30.84 -26.43
CA PRO A 225 -6.96 -29.90 -26.72
C PRO A 225 -7.38 -29.17 -25.47
N ARG A 226 -7.65 -27.88 -25.58
CA ARG A 226 -8.13 -27.13 -24.44
C ARG A 226 -9.28 -26.29 -24.95
N GLY A 227 -10.50 -26.75 -24.66
CA GLY A 227 -11.72 -26.09 -25.09
C GLY A 227 -12.97 -26.91 -24.81
N SER A 228 -14.00 -26.68 -25.63
CA SER A 228 -15.31 -27.27 -25.44
C SER A 228 -15.31 -28.78 -25.65
N SER A 229 -16.33 -29.44 -25.12
CA SER A 229 -16.54 -30.86 -25.34
C SER A 229 -16.62 -31.18 -26.84
N GLN A 230 -17.26 -30.29 -27.61
CA GLN A 230 -17.31 -30.44 -29.06
C GLN A 230 -15.93 -30.36 -29.72
N LEU A 231 -15.15 -29.32 -29.42
CA LEU A 231 -13.77 -29.26 -29.92
C LEU A 231 -12.98 -30.50 -29.48
N VAL A 232 -13.08 -30.86 -28.20
CA VAL A 232 -12.29 -31.96 -27.64
C VAL A 232 -12.66 -33.30 -28.30
N ARG A 233 -13.95 -33.46 -28.64
CA ARG A 233 -14.40 -34.68 -29.30
C ARG A 233 -14.17 -34.62 -30.81
N ASP A 234 -14.18 -33.41 -31.38
CA ASP A 234 -13.85 -33.23 -32.81
C ASP A 234 -12.40 -33.61 -33.02
N ILE A 235 -11.56 -33.23 -32.05
CA ILE A 235 -10.13 -33.47 -32.16
C ILE A 235 -9.89 -34.96 -31.97
N GLN A 236 -10.49 -35.52 -30.93
CA GLN A 236 -10.42 -36.97 -30.68
C GLN A 236 -10.72 -37.73 -31.96
N LYS A 237 -11.67 -37.23 -32.74
CA LYS A 237 -12.12 -37.90 -33.96
C LYS A 237 -11.15 -37.76 -35.12
N ALA A 238 -10.69 -36.53 -35.37
CA ALA A 238 -9.81 -36.24 -36.50
C ALA A 238 -8.39 -36.76 -36.27
N ALA A 239 -8.05 -37.05 -35.02
CA ALA A 239 -6.73 -37.57 -34.69
C ALA A 239 -6.72 -39.09 -34.75
N LYS A 240 -6.57 -39.63 -35.96
CA LYS A 240 -6.21 -41.04 -36.11
C LYS A 240 -4.68 -41.14 -36.06
N GLY A 241 -4.18 -42.01 -35.18
CA GLY A 241 -2.73 -42.16 -35.00
C GLY A 241 -2.26 -41.52 -33.71
N ILE A 242 -2.33 -40.18 -33.68
CA ILE A 242 -1.83 -39.37 -32.57
C ILE A 242 -2.69 -39.48 -31.32
N PRO A 243 -2.06 -39.79 -30.18
CA PRO A 243 -2.81 -39.71 -28.92
C PRO A 243 -3.27 -38.28 -28.58
N VAL A 244 -4.44 -38.19 -27.94
CA VAL A 244 -5.05 -36.95 -27.50
C VAL A 244 -5.21 -36.98 -25.97
N GLY A 246 -6.60 -35.26 -22.37
CA GLY A 246 -7.52 -34.29 -21.73
C GLY A 246 -8.80 -34.91 -21.19
N HIS A 247 -9.87 -34.12 -21.18
CA HIS A 247 -11.17 -34.56 -20.71
C HIS A 247 -12.21 -33.88 -21.58
N SER A 248 -13.28 -34.61 -21.87
CA SER A 248 -14.42 -34.05 -22.61
C SER A 248 -15.56 -33.65 -21.67
N GLU A 249 -15.45 -33.99 -20.39
CA GLU A 249 -16.56 -33.72 -19.45
C GLU A 249 -16.18 -33.63 -17.98
N GLY A 250 -16.96 -32.83 -17.26
CA GLY A 250 -16.75 -32.60 -15.84
C GLY A 250 -18.03 -32.69 -15.03
N ILE A 251 -18.59 -33.89 -14.97
CA ILE A 251 -19.72 -34.16 -14.10
C ILE A 251 -19.13 -34.53 -12.74
N CYS A 252 -19.09 -33.52 -11.86
CA CYS A 252 -18.44 -33.60 -10.57
C CYS A 252 -19.47 -33.62 -9.44
N HIS A 253 -19.22 -34.46 -8.44
CA HIS A 253 -20.14 -34.64 -7.34
C HIS A 253 -19.56 -34.17 -6.01
N TYR A 255 -20.63 -35.14 -2.00
CA TYR A 255 -21.50 -35.94 -1.14
C TYR A 255 -21.46 -35.33 0.25
N VAL A 256 -22.63 -34.88 0.70
CA VAL A 256 -22.77 -34.34 2.04
C VAL A 256 -23.15 -35.50 2.96
N ASP A 257 -22.19 -35.95 3.75
CA ASP A 257 -22.42 -37.08 4.64
C ASP A 257 -23.31 -36.70 5.84
N SER A 258 -23.93 -37.71 6.46
CA SER A 258 -24.75 -37.52 7.68
C SER A 258 -23.96 -36.85 8.79
N GLU A 259 -22.64 -37.09 8.81
CA GLU A 259 -21.76 -36.51 9.82
C GLU A 259 -21.07 -35.22 9.38
N ALA A 260 -21.68 -34.54 8.39
CA ALA A 260 -21.14 -33.29 7.85
C ALA A 260 -21.25 -32.15 8.87
N SER A 261 -20.21 -31.33 8.96
CA SER A 261 -20.24 -30.17 9.83
C SER A 261 -21.16 -29.11 9.26
N VAL A 262 -22.16 -28.73 10.05
CA VAL A 262 -23.06 -27.63 9.72
C VAL A 262 -22.29 -26.31 9.47
N ASP A 263 -21.12 -26.17 10.09
CA ASP A 263 -20.33 -24.97 9.90
C ASP A 263 -19.56 -24.94 8.56
N LYS A 264 -19.47 -26.09 7.89
CA LYS A 264 -18.64 -26.24 6.69
C LYS A 264 -19.41 -26.39 5.38
N VAL A 265 -20.61 -26.97 5.43
CA VAL A 265 -21.27 -27.43 4.21
C VAL A 265 -21.56 -26.31 3.23
N THR A 266 -22.18 -25.26 3.73
CA THR A 266 -22.71 -24.20 2.88
C THR A 266 -21.61 -23.54 2.05
N ARG A 267 -20.49 -23.18 2.67
CA ARG A 267 -19.45 -22.50 1.94
C ARG A 267 -18.79 -23.46 0.94
N LEU A 268 -18.77 -24.75 1.26
CA LEU A 268 -18.20 -25.74 0.34
C LEU A 268 -19.04 -25.89 -0.93
N VAL A 269 -20.34 -26.00 -0.73
CA VAL A 269 -21.28 -26.11 -1.83
C VAL A 269 -21.30 -24.80 -2.61
N ARG A 270 -21.41 -23.67 -1.91
CA ARG A 270 -21.37 -22.40 -2.61
C ARG A 270 -20.10 -22.29 -3.51
N ASP A 271 -18.91 -22.59 -2.98
CA ASP A 271 -17.68 -22.40 -3.79
C ASP A 271 -17.62 -23.35 -5.00
N SER A 272 -17.92 -24.63 -4.75
CA SER A 272 -17.90 -25.67 -5.77
C SER A 272 -18.84 -25.37 -6.93
N LYS A 273 -19.97 -24.74 -6.64
CA LYS A 273 -20.97 -24.45 -7.65
C LYS A 273 -20.84 -23.06 -8.22
N CYS A 274 -20.68 -22.09 -7.34
CA CYS A 274 -20.84 -20.69 -7.76
C CYS A 274 -19.56 -19.94 -8.04
N GLU A 275 -18.42 -20.39 -7.51
CA GLU A 275 -17.21 -19.59 -7.67
C GLU A 275 -16.93 -19.39 -9.15
N TYR A 276 -17.12 -20.47 -9.93
CA TYR A 276 -16.91 -20.48 -11.37
C TYR A 276 -17.74 -21.58 -12.05
N PRO A 277 -19.04 -21.33 -12.29
CA PRO A 277 -19.95 -22.38 -12.79
C PRO A 277 -19.49 -23.05 -14.09
N ALA A 278 -18.81 -22.31 -14.95
CA ALA A 278 -18.41 -22.84 -16.25
C ALA A 278 -17.22 -23.81 -16.17
N ALA A 279 -16.54 -23.84 -15.03
CA ALA A 279 -15.35 -24.67 -14.85
C ALA A 279 -15.65 -26.15 -15.06
N CYS A 280 -14.68 -26.89 -15.62
CA CYS A 280 -14.77 -28.35 -15.74
C CYS A 280 -14.94 -29.04 -14.37
N ASN A 281 -14.44 -28.41 -13.32
CA ASN A 281 -14.54 -28.96 -11.97
C ASN A 281 -15.62 -28.33 -11.10
N ALA A 282 -16.50 -27.55 -11.72
CA ALA A 282 -17.68 -27.07 -11.02
C ALA A 282 -18.56 -28.26 -10.60
N LEU A 283 -19.18 -28.10 -9.44
CA LEU A 283 -20.19 -29.01 -8.92
C LEU A 283 -21.38 -29.09 -9.87
N GLU A 284 -21.74 -30.33 -10.22
CA GLU A 284 -22.94 -30.57 -11.03
C GLU A 284 -24.03 -31.33 -10.28
N THR A 285 -23.64 -32.27 -9.41
CA THR A 285 -24.62 -33.04 -8.65
C THR A 285 -24.26 -33.04 -7.16
N LEU A 286 -25.19 -32.53 -6.36
CA LEU A 286 -25.07 -32.53 -4.92
C LEU A 286 -25.77 -33.76 -4.37
N LEU A 287 -25.02 -34.63 -3.73
CA LEU A 287 -25.61 -35.84 -3.13
C LEU A 287 -25.74 -35.65 -1.63
N ILE A 288 -26.97 -35.77 -1.16
CA ILE A 288 -27.24 -35.50 0.23
C ILE A 288 -27.63 -36.77 0.97
N HIS A 289 -26.89 -37.12 2.13
CA HIS A 289 -27.28 -38.20 3.01
C HIS A 289 -28.73 -37.96 3.51
N ARG A 290 -29.47 -39.03 3.53
CA ARG A 290 -30.92 -39.01 3.93
C ARG A 290 -31.14 -38.47 5.33
N ASP A 291 -30.27 -38.78 6.29
CA ASP A 291 -30.40 -38.38 7.69
C ASP A 291 -30.45 -36.81 7.77
N LEU A 292 -30.37 -36.06 6.64
CA LEU A 292 -30.29 -34.59 6.71
C LEU A 292 -31.50 -33.85 6.14
N LEU A 293 -32.42 -34.58 5.53
CA LEU A 293 -33.60 -33.97 4.90
C LEU A 293 -34.45 -33.05 5.81
N ARG A 294 -34.56 -33.45 7.12
CA ARG A 294 -35.32 -32.64 8.06
C ARG A 294 -34.40 -31.92 9.06
N THR A 295 -33.39 -31.23 8.52
CA THR A 295 -32.34 -30.64 9.35
C THR A 295 -32.08 -29.15 9.00
N PRO A 296 -31.67 -28.34 10.01
CA PRO A 296 -31.25 -26.96 9.71
C PRO A 296 -30.04 -26.88 8.76
N LEU A 297 -29.15 -27.87 8.81
CA LEU A 297 -28.04 -27.94 7.87
C LEU A 297 -28.54 -27.93 6.41
N PHE A 298 -29.56 -28.74 6.14
CA PHE A 298 -30.17 -28.80 4.81
C PHE A 298 -30.83 -27.49 4.42
N ASP A 299 -31.51 -26.86 5.38
CA ASP A 299 -32.14 -25.57 5.17
C ASP A 299 -31.14 -24.50 4.75
N GLN A 300 -30.02 -24.43 5.47
CA GLN A 300 -29.01 -23.42 5.16
C GLN A 300 -28.43 -23.62 3.73
N ILE A 301 -28.41 -24.88 3.25
CA ILE A 301 -27.98 -25.14 1.87
C ILE A 301 -28.95 -24.53 0.89
N ILE A 302 -30.21 -24.97 0.91
CA ILE A 302 -31.23 -24.38 0.02
C ILE A 302 -31.23 -22.84 0.13
N ASP A 303 -31.03 -22.27 1.37
CA ASP A 303 -31.00 -20.84 1.58
C ASP A 303 -29.86 -20.26 0.73
N LEU A 305 -28.13 -21.62 -1.82
CA LEU A 305 -28.51 -21.84 -3.28
C LEU A 305 -29.56 -20.82 -3.82
N ARG A 306 -30.53 -20.37 -2.90
CA ARG A 306 -31.50 -19.40 -3.48
C ARG A 306 -30.86 -18.01 -3.51
N VAL A 307 -29.92 -17.79 -2.49
CA VAL A 307 -29.32 -16.43 -2.48
C VAL A 307 -28.43 -16.29 -3.70
N GLU A 308 -27.83 -17.43 -4.10
CA GLU A 308 -26.93 -17.48 -5.23
C GLU A 308 -27.72 -17.65 -6.59
N GLN A 309 -29.07 -17.61 -6.49
CA GLN A 309 -30.02 -17.69 -7.66
C GLN A 309 -29.78 -18.91 -8.62
N VAL A 310 -29.56 -20.10 -7.86
CA VAL A 310 -29.22 -21.37 -8.53
C VAL A 310 -30.43 -22.29 -8.67
N LYS A 311 -30.69 -22.71 -9.91
CA LYS A 311 -31.77 -23.64 -10.23
C LYS A 311 -31.44 -25.08 -9.80
N ILE A 312 -32.13 -25.57 -8.71
CA ILE A 312 -32.00 -26.98 -8.25
C ILE A 312 -32.97 -27.85 -9.15
N HIS A 313 -32.47 -29.03 -9.67
CA HIS A 313 -33.42 -30.08 -10.29
C HIS A 313 -33.37 -31.30 -9.37
N ALA A 314 -34.53 -31.74 -8.93
CA ALA A 314 -34.64 -32.85 -8.00
C ALA A 314 -34.37 -34.19 -8.68
N GLY A 315 -33.29 -34.96 -8.09
CA GLY A 315 -33.22 -36.39 -8.45
C GLY A 315 -34.46 -37.15 -7.96
N PRO A 316 -34.70 -38.36 -8.52
CA PRO A 316 -35.85 -39.24 -8.25
C PRO A 316 -36.15 -39.44 -6.75
N LYS A 317 -35.17 -40.17 -6.01
CA LYS A 317 -35.31 -40.40 -4.58
C LYS A 317 -35.73 -39.14 -3.79
N PHE A 318 -35.14 -38.03 -4.24
CA PHE A 318 -35.26 -36.74 -3.62
C PHE A 318 -36.70 -36.29 -3.69
N ALA A 319 -37.26 -36.39 -4.87
CA ALA A 319 -38.64 -36.03 -5.17
C ALA A 319 -39.64 -36.76 -4.25
N SER A 320 -39.34 -38.04 -3.98
CA SER A 320 -40.10 -38.92 -3.10
C SER A 320 -40.21 -38.36 -1.68
N LYS A 330 -34.44 -34.94 -15.57
CA LYS A 330 -34.01 -34.98 -16.97
C LYS A 330 -32.94 -36.05 -17.18
N SER A 331 -31.78 -35.82 -16.57
CA SER A 331 -30.64 -36.74 -16.66
C SER A 331 -29.69 -36.50 -15.48
N LEU A 332 -29.16 -37.59 -14.93
CA LEU A 332 -28.19 -37.51 -13.84
C LEU A 332 -26.74 -37.41 -14.37
N ARG A 333 -26.60 -37.38 -15.70
CA ARG A 333 -25.30 -37.24 -16.36
C ARG A 333 -25.22 -35.91 -17.11
N THR A 334 -25.49 -34.83 -16.43
CA THR A 334 -25.54 -33.53 -17.06
C THR A 334 -24.47 -32.61 -16.53
N GLU A 335 -23.78 -31.91 -17.41
CA GLU A 335 -22.95 -30.81 -16.99
C GLU A 335 -23.63 -29.49 -17.28
N TYR A 336 -24.04 -28.77 -16.26
CA TYR A 336 -24.78 -27.53 -16.48
C TYR A 336 -23.91 -26.39 -16.95
N GLY A 337 -22.73 -26.26 -16.35
CA GLY A 337 -21.81 -25.18 -16.71
C GLY A 337 -22.44 -23.82 -16.49
N ASP A 338 -23.39 -23.76 -15.55
CA ASP A 338 -24.11 -22.53 -15.20
C ASP A 338 -24.75 -22.67 -13.82
N LEU A 339 -25.56 -21.69 -13.42
CA LEU A 339 -26.18 -21.66 -12.10
C LEU A 339 -27.37 -22.63 -11.98
N GLU A 340 -27.08 -23.91 -12.23
CA GLU A 340 -28.03 -25.00 -12.15
C GLU A 340 -27.35 -26.15 -11.44
N LEU A 341 -28.12 -26.96 -10.70
CA LEU A 341 -27.56 -28.02 -9.87
C LEU A 341 -28.53 -29.16 -9.62
N CYS A 342 -28.04 -30.38 -9.79
CA CYS A 342 -28.83 -31.53 -9.41
C CYS A 342 -28.63 -31.84 -7.94
N ILE A 343 -29.75 -32.02 -7.23
CA ILE A 343 -29.75 -32.51 -5.85
C ILE A 343 -30.51 -33.85 -5.82
N GLU A 344 -29.82 -34.89 -5.36
CA GLU A 344 -30.37 -36.21 -5.19
C GLU A 344 -30.16 -36.73 -3.77
N VAL A 345 -31.11 -37.51 -3.24
CA VAL A 345 -31.02 -38.08 -1.90
C VAL A 345 -30.38 -39.45 -2.03
N VAL A 346 -29.47 -39.75 -1.11
CA VAL A 346 -28.85 -41.08 -1.04
C VAL A 346 -29.03 -41.69 0.33
N ASP A 347 -28.77 -43.04 0.46
CA ASP A 347 -28.98 -43.75 1.70
C ASP A 347 -27.74 -43.79 2.62
N ASN A 348 -26.56 -43.84 2.01
CA ASN A 348 -25.30 -44.01 2.74
C ASN A 348 -24.11 -43.72 1.83
N VAL A 349 -22.90 -43.81 2.36
CA VAL A 349 -21.68 -43.58 1.60
C VAL A 349 -21.62 -44.46 0.36
N GLN A 350 -21.98 -45.73 0.53
CA GLN A 350 -21.94 -46.73 -0.53
C GLN A 350 -22.81 -46.30 -1.70
N ASP A 351 -23.94 -45.72 -1.36
CA ASP A 351 -24.90 -45.22 -2.31
C ASP A 351 -24.33 -44.06 -3.09
N ALA A 352 -23.74 -43.13 -2.36
CA ALA A 352 -23.03 -42.00 -2.95
C ALA A 352 -21.93 -42.47 -3.91
N ILE A 353 -21.11 -43.42 -3.46
CA ILE A 353 -20.02 -43.97 -4.27
C ILE A 353 -20.57 -44.63 -5.55
N ASP A 354 -21.62 -45.43 -5.39
CA ASP A 354 -22.28 -46.09 -6.51
C ASP A 354 -22.80 -45.09 -7.54
N HIS A 355 -23.41 -44.02 -7.05
CA HIS A 355 -23.95 -42.96 -7.89
C HIS A 355 -22.83 -42.26 -8.68
N ILE A 356 -21.74 -41.94 -7.99
CA ILE A 356 -20.59 -41.25 -8.58
C ILE A 356 -19.98 -42.10 -9.71
N HIS A 357 -19.88 -43.40 -9.47
CA HIS A 357 -19.35 -44.34 -10.44
C HIS A 357 -20.27 -44.46 -11.67
N LYS A 358 -21.57 -44.48 -11.41
CA LYS A 358 -22.56 -44.67 -12.44
C LYS A 358 -22.68 -43.43 -13.32
N TYR A 359 -22.80 -42.27 -12.70
CA TYR A 359 -23.17 -41.08 -13.45
C TYR A 359 -22.02 -40.10 -13.73
N GLY A 360 -20.95 -40.18 -12.93
CA GLY A 360 -19.85 -39.20 -13.00
C GLY A 360 -18.86 -39.36 -14.13
N SER A 361 -18.04 -38.34 -14.34
CA SER A 361 -17.01 -38.37 -15.38
C SER A 361 -15.62 -38.73 -14.84
N SER A 362 -15.54 -39.15 -13.59
CA SER A 362 -14.28 -39.59 -12.97
C SER A 362 -13.22 -38.44 -12.92
N HIS A 363 -13.72 -37.22 -12.78
CA HIS A 363 -12.90 -36.05 -12.82
C HIS A 363 -12.58 -35.64 -11.38
N THR A 364 -13.51 -34.97 -10.71
CA THR A 364 -13.34 -34.51 -9.34
C THR A 364 -14.60 -34.81 -8.53
N ASP A 365 -14.44 -35.53 -7.42
CA ASP A 365 -15.59 -35.82 -6.57
C ASP A 365 -15.22 -35.69 -5.11
N VAL A 366 -16.15 -35.20 -4.30
CA VAL A 366 -15.83 -34.73 -2.97
C VAL A 366 -16.77 -35.26 -1.90
N ILE A 367 -16.21 -35.60 -0.73
CA ILE A 367 -17.08 -35.90 0.44
C ILE A 367 -16.98 -34.80 1.50
N VAL A 368 -18.13 -34.39 2.05
CA VAL A 368 -18.14 -33.48 3.21
C VAL A 368 -18.62 -34.27 4.45
N THR A 369 -17.73 -34.45 5.43
CA THR A 369 -18.04 -35.20 6.65
C THR A 369 -17.01 -34.90 7.72
N GLU A 370 -17.40 -35.15 8.97
CA GLU A 370 -16.50 -35.05 10.11
C GLU A 370 -15.99 -36.42 10.54
N ASP A 371 -16.67 -37.47 10.11
CA ASP A 371 -16.23 -38.81 10.38
C ASP A 371 -15.06 -39.26 9.49
N GLU A 372 -13.89 -39.41 10.08
CA GLU A 372 -12.64 -39.80 9.40
C GLU A 372 -12.74 -41.16 8.70
N ASN A 373 -13.32 -42.15 9.38
CA ASN A 373 -13.52 -43.49 8.80
C ASN A 373 -14.29 -43.45 7.49
N THR A 374 -15.41 -42.71 7.51
CA THR A 374 -16.31 -42.59 6.37
C THR A 374 -15.56 -41.88 5.22
N ALA A 375 -14.92 -40.75 5.53
CA ALA A 375 -14.10 -39.98 4.59
C ALA A 375 -13.03 -40.84 3.91
N GLU A 376 -12.31 -41.64 4.69
CA GLU A 376 -11.21 -42.46 4.15
C GLU A 376 -11.76 -43.59 3.28
N PHE A 377 -12.92 -44.10 3.66
CA PHE A 377 -13.64 -45.09 2.88
C PHE A 377 -13.99 -44.57 1.46
N PHE A 378 -14.63 -43.39 1.42
CA PHE A 378 -14.94 -42.62 0.21
C PHE A 378 -13.71 -42.33 -0.64
N LEU A 379 -12.63 -41.88 -0.01
CA LEU A 379 -11.41 -41.51 -0.71
C LEU A 379 -10.79 -42.74 -1.36
N GLN A 380 -10.89 -43.88 -0.67
CA GLN A 380 -10.35 -45.15 -1.14
C GLN A 380 -11.17 -45.73 -2.31
N HIS A 381 -12.48 -45.59 -2.23
CA HIS A 381 -13.38 -46.33 -3.14
C HIS A 381 -13.90 -45.56 -4.34
N VAL A 382 -13.85 -44.23 -4.27
CA VAL A 382 -14.16 -43.39 -5.43
C VAL A 382 -12.98 -43.42 -6.41
N ASP A 383 -13.27 -43.82 -7.65
CA ASP A 383 -12.23 -44.09 -8.65
C ASP A 383 -11.92 -42.85 -9.53
N SER A 384 -12.29 -41.65 -9.08
CA SER A 384 -12.05 -40.44 -9.87
C SER A 384 -10.56 -40.06 -9.88
N ALA A 385 -10.14 -39.26 -10.86
CA ALA A 385 -8.77 -38.82 -10.88
C ALA A 385 -8.44 -38.03 -9.60
N CYS A 386 -9.41 -37.26 -9.12
CA CYS A 386 -9.22 -36.41 -7.96
C CYS A 386 -10.35 -36.63 -6.98
N VAL A 387 -10.03 -37.06 -5.76
CA VAL A 387 -11.05 -37.25 -4.71
C VAL A 387 -10.67 -36.42 -3.47
N PHE A 388 -11.61 -35.56 -3.02
CA PHE A 388 -11.33 -34.59 -1.95
C PHE A 388 -12.17 -34.86 -0.70
N TRP A 389 -11.64 -34.44 0.45
CA TRP A 389 -12.40 -34.48 1.69
C TRP A 389 -12.43 -33.06 2.29
N ASN A 390 -13.63 -32.49 2.42
CA ASN A 390 -13.76 -31.16 3.06
C ASN A 390 -12.93 -30.08 2.36
N ALA A 391 -12.89 -30.14 1.04
CA ALA A 391 -12.32 -29.06 0.22
C ALA A 391 -13.16 -28.98 -1.05
N SER A 392 -13.32 -27.76 -1.55
CA SER A 392 -14.10 -27.51 -2.77
C SER A 392 -13.62 -28.30 -4.01
N THR A 393 -14.58 -28.64 -4.88
CA THR A 393 -14.26 -29.31 -6.17
C THR A 393 -13.30 -28.49 -7.00
N ARG A 394 -13.30 -27.18 -6.78
CA ARG A 394 -12.53 -26.25 -7.61
C ARG A 394 -11.01 -26.33 -7.44
N PHE A 395 -10.56 -27.09 -6.44
CA PHE A 395 -9.12 -27.22 -6.23
C PHE A 395 -8.33 -28.00 -7.28
N SER A 396 -9.00 -28.81 -8.11
CA SER A 396 -8.30 -29.60 -9.16
C SER A 396 -7.78 -28.69 -10.25
N ASP A 397 -6.48 -28.42 -10.19
CA ASP A 397 -5.82 -27.43 -11.05
C ASP A 397 -4.37 -27.65 -10.75
N GLY A 398 -3.54 -27.54 -11.77
CA GLY A 398 -2.11 -27.81 -11.64
C GLY A 398 -1.45 -26.83 -10.68
N TYR A 399 -1.65 -25.54 -10.91
CA TYR A 399 -1.11 -24.52 -10.01
C TYR A 399 -1.59 -24.77 -8.54
N ARG A 400 -2.88 -24.96 -8.32
CA ARG A 400 -3.37 -25.19 -6.95
C ARG A 400 -2.73 -26.39 -6.26
N PHE A 401 -2.43 -27.43 -7.05
CA PHE A 401 -1.90 -28.68 -6.56
C PHE A 401 -0.39 -28.62 -6.30
N GLY A 402 0.24 -27.46 -6.52
CA GLY A 402 1.69 -27.35 -6.36
C GLY A 402 2.51 -27.84 -7.53
N LEU A 403 1.89 -28.00 -8.70
CA LEU A 403 2.60 -28.42 -9.92
C LEU A 403 3.20 -27.23 -10.70
N GLY A 404 2.89 -26.02 -10.26
CA GLY A 404 3.32 -24.82 -10.96
C GLY A 404 2.37 -24.45 -12.07
N ALA A 405 1.90 -25.45 -12.82
CA ALA A 405 1.01 -25.26 -13.96
C ALA A 405 0.49 -26.62 -14.39
N GLU A 406 -0.41 -26.65 -15.37
CA GLU A 406 -0.88 -27.89 -15.99
C GLU A 406 -0.90 -27.67 -17.50
N VAL A 407 -0.88 -28.77 -18.26
CA VAL A 407 -1.16 -28.69 -19.71
C VAL A 407 -2.67 -28.93 -19.91
N GLY A 408 -3.32 -29.39 -18.85
CA GLY A 408 -4.74 -29.74 -18.84
C GLY A 408 -5.04 -30.72 -17.73
N ILE A 409 -6.30 -31.15 -17.66
CA ILE A 409 -6.70 -32.19 -16.72
C ILE A 409 -7.17 -33.43 -17.49
N SER A 410 -6.57 -34.56 -17.14
CA SER A 410 -6.87 -35.81 -17.82
C SER A 410 -7.75 -36.73 -16.98
N THR A 411 -8.78 -37.29 -17.60
CA THR A 411 -9.62 -38.30 -16.93
C THR A 411 -9.35 -39.71 -17.44
N SER A 412 -8.34 -39.84 -18.30
CA SER A 412 -7.84 -41.14 -18.73
C SER A 412 -7.31 -41.93 -17.54
N ARG A 413 -7.34 -43.26 -17.65
CA ARG A 413 -6.67 -44.15 -16.71
C ARG A 413 -5.36 -44.67 -17.27
N ILE A 414 -5.02 -44.27 -18.49
CA ILE A 414 -3.69 -44.56 -19.01
C ILE A 414 -2.87 -43.27 -19.11
N HIS A 415 -1.56 -43.42 -18.97
N HIS A 415 -1.58 -43.39 -19.02
CA HIS A 415 -0.59 -42.32 -19.04
CA HIS A 415 -0.73 -42.21 -19.19
C HIS A 415 -0.53 -41.28 -17.92
C HIS A 415 -0.55 -41.23 -18.04
N ALA A 416 -1.59 -40.48 -17.79
CA ALA A 416 -1.55 -39.34 -16.86
C ALA A 416 -2.95 -38.98 -16.46
N ARG A 417 -3.14 -38.87 -15.15
CA ARG A 417 -4.47 -38.76 -14.59
C ARG A 417 -4.54 -37.51 -13.72
N GLY A 418 -5.63 -36.75 -13.82
CA GLY A 418 -5.76 -35.48 -13.10
C GLY A 418 -5.03 -34.35 -13.82
N PRO A 419 -4.67 -33.26 -13.09
CA PRO A 419 -3.88 -32.20 -13.71
C PRO A 419 -2.54 -32.79 -14.13
N VAL A 420 -2.14 -32.50 -15.36
CA VAL A 420 -0.94 -33.08 -15.93
C VAL A 420 0.15 -32.01 -15.90
N GLY A 421 1.21 -32.27 -15.14
CA GLY A 421 2.35 -31.37 -15.05
C GLY A 421 3.43 -31.91 -15.97
N LEU A 422 4.67 -31.53 -15.71
CA LEU A 422 5.77 -31.82 -16.63
C LEU A 422 5.98 -33.30 -16.74
N GLU A 423 5.76 -34.03 -15.67
CA GLU A 423 5.94 -35.47 -15.69
C GLU A 423 5.04 -36.21 -16.66
N GLY A 424 3.85 -35.70 -16.92
CA GLY A 424 3.01 -36.30 -17.97
C GLY A 424 3.46 -35.99 -19.39
N LEU A 425 4.55 -35.24 -19.53
CA LEU A 425 5.10 -34.91 -20.84
C LEU A 425 6.37 -35.70 -21.14
N LEU A 426 6.62 -36.71 -20.30
CA LEU A 426 7.77 -37.58 -20.46
C LEU A 426 7.36 -38.99 -20.77
N THR A 427 8.21 -39.69 -21.50
CA THR A 427 8.01 -41.13 -21.62
C THR A 427 9.32 -41.76 -21.18
N THR A 428 9.61 -43.00 -21.60
CA THR A 428 10.84 -43.67 -21.19
C THR A 428 11.56 -44.39 -22.33
N LYS A 429 12.80 -44.78 -22.05
CA LYS A 429 13.63 -45.55 -22.98
C LYS A 429 14.47 -46.54 -22.19
N TRP A 430 14.55 -47.77 -22.70
CA TRP A 430 15.35 -48.81 -22.09
C TRP A 430 16.68 -48.88 -22.82
N LEU A 431 17.77 -48.73 -22.08
CA LEU A 431 19.10 -48.83 -22.67
C LEU A 431 19.80 -50.07 -22.14
N LEU A 432 20.36 -50.85 -23.06
CA LEU A 432 21.06 -52.07 -22.73
C LEU A 432 22.47 -52.02 -23.31
N ARG A 433 23.47 -52.13 -22.43
CA ARG A 433 24.86 -52.08 -22.86
C ARG A 433 25.48 -53.42 -22.55
N GLY A 434 25.88 -54.13 -23.60
CA GLY A 434 26.47 -55.44 -23.45
C GLY A 434 27.89 -55.53 -23.97
N LYS A 435 28.40 -56.75 -24.00
CA LYS A 435 29.74 -57.01 -24.52
C LYS A 435 29.57 -57.54 -25.95
N ASP A 436 28.98 -58.71 -26.07
CA ASP A 436 28.74 -59.33 -27.36
C ASP A 436 27.51 -60.24 -27.20
N HIS A 437 26.56 -59.82 -26.37
CA HIS A 437 25.59 -60.76 -25.81
C HIS A 437 24.51 -61.24 -26.74
N VAL A 438 24.27 -62.56 -26.70
CA VAL A 438 23.21 -63.23 -27.46
C VAL A 438 22.32 -64.07 -26.55
N VAL A 439 21.03 -64.10 -26.88
CA VAL A 439 20.03 -64.82 -26.09
C VAL A 439 20.23 -66.36 -26.08
N SER A 440 20.71 -66.93 -27.19
CA SER A 440 21.06 -68.36 -27.20
C SER A 440 22.01 -68.78 -26.07
N ASP A 441 22.95 -67.91 -25.68
CA ASP A 441 23.94 -68.23 -24.64
C ASP A 441 23.27 -68.47 -23.28
N PHE A 442 22.04 -67.95 -23.12
CA PHE A 442 21.30 -68.01 -21.86
C PHE A 442 20.25 -69.11 -21.88
N SER A 443 20.20 -69.87 -22.97
CA SER A 443 19.21 -70.93 -23.09
C SER A 443 19.57 -72.08 -22.15
N GLU A 444 18.70 -73.09 -22.11
CA GLU A 444 18.85 -74.20 -21.17
C GLU A 444 20.24 -74.85 -21.14
N HIS A 445 20.79 -75.05 -22.33
CA HIS A 445 22.07 -75.73 -22.48
C HIS A 445 23.17 -74.73 -22.79
N GLY A 446 22.91 -73.44 -22.54
CA GLY A 446 23.90 -72.38 -22.85
C GLY A 446 24.95 -72.23 -21.80
N SER A 447 25.86 -71.26 -21.99
CA SER A 447 26.99 -71.09 -21.09
C SER A 447 26.69 -70.08 -19.98
N LEU A 448 25.65 -69.25 -20.18
CA LEU A 448 25.54 -68.05 -19.36
C LEU A 448 24.34 -68.05 -18.46
N LYS A 449 24.48 -67.42 -17.30
CA LYS A 449 23.34 -67.22 -16.40
C LYS A 449 23.02 -65.74 -16.23
N TYR A 450 21.73 -65.47 -16.03
CA TYR A 450 21.26 -64.15 -15.65
C TYR A 450 21.64 -63.91 -14.21
N LEU A 451 21.86 -62.64 -13.87
CA LEU A 451 22.02 -62.25 -12.49
C LEU A 451 20.78 -61.54 -12.00
N HIS A 452 20.20 -60.69 -12.85
CA HIS A 452 19.08 -59.77 -12.48
C HIS A 452 19.27 -59.10 -11.13
N GLU A 453 20.36 -58.35 -11.01
CA GLU A 453 20.68 -57.61 -9.77
C GLU A 453 20.33 -56.14 -9.95
N ASN A 454 19.31 -55.68 -9.23
CA ASN A 454 18.94 -54.27 -9.24
C ASN A 454 20.01 -53.49 -8.55
N LEU A 455 20.43 -52.38 -9.16
CA LEU A 455 21.52 -51.57 -8.61
C LEU A 455 20.93 -50.30 -8.02
N PRO A 456 21.60 -49.70 -7.03
CA PRO A 456 21.09 -48.47 -6.41
C PRO A 456 20.97 -47.28 -7.36
N ILE A 457 19.88 -46.53 -7.17
CA ILE A 457 19.59 -45.32 -7.93
C ILE A 457 19.44 -44.16 -6.93
N PRO A 458 20.09 -43.02 -7.23
CA PRO A 458 19.90 -41.72 -6.59
C PRO A 458 18.45 -41.46 -6.18
N GLN A 459 18.25 -41.04 -4.94
CA GLN A 459 16.92 -40.63 -4.49
C GLN A 459 16.59 -39.25 -5.06
N ARG A 460 15.30 -38.93 -5.11
CA ARG A 460 14.82 -37.61 -5.55
C ARG A 460 14.54 -36.75 -4.31
N ASN A 461 14.24 -35.48 -4.53
CA ASN A 461 13.70 -34.64 -3.45
C ASN A 461 12.66 -33.64 -3.94
N THR B 30 -6.53 24.36 43.77
CA THR B 30 -5.08 24.07 43.64
C THR B 30 -4.69 23.84 42.17
N VAL B 31 -3.39 23.92 41.89
CA VAL B 31 -2.88 23.79 40.51
C VAL B 31 -3.07 22.35 39.96
N GLU B 32 -2.95 21.36 40.83
CA GLU B 32 -3.24 20.00 40.45
C GLU B 32 -4.72 19.75 40.18
N GLN B 33 -5.59 20.41 40.92
CA GLN B 33 -7.02 20.40 40.65
C GLN B 33 -7.37 21.12 39.35
N GLN B 34 -6.63 22.20 39.06
CA GLN B 34 -6.76 22.91 37.81
C GLN B 34 -6.34 22.03 36.63
N GLY B 35 -5.23 21.31 36.80
CA GLY B 35 -4.79 20.33 35.82
C GLY B 35 -5.83 19.28 35.48
N GLU B 36 -6.46 18.70 36.52
CA GLU B 36 -7.49 17.69 36.34
C GLU B 36 -8.76 18.25 35.69
N ALA B 38 -8.84 20.94 33.60
CA ALA B 38 -8.43 21.20 32.22
C ALA B 38 -8.44 19.89 31.43
N ARG B 39 -7.94 18.83 32.04
CA ARG B 39 -7.97 17.52 31.39
C ARG B 39 -9.39 17.04 31.09
N SER B 40 -10.27 17.10 32.09
CA SER B 40 -11.64 16.64 31.91
C SER B 40 -12.43 17.55 30.98
N GLY B 41 -12.22 18.86 31.11
CA GLY B 41 -12.80 19.83 30.19
C GLY B 41 -12.31 19.64 28.76
N GLY B 42 -11.03 19.29 28.61
CA GLY B 42 -10.45 19.04 27.30
C GLY B 42 -11.11 17.86 26.63
N ARG B 43 -11.21 16.76 27.37
CA ARG B 43 -11.86 15.55 26.89
C ARG B 43 -13.35 15.74 26.51
N LEU B 45 -14.58 18.72 25.59
CA LEU B 45 -14.43 19.55 24.38
C LEU B 45 -14.24 18.71 23.12
N ALA B 46 -13.36 17.72 23.20
CA ALA B 46 -13.09 16.81 22.10
C ALA B 46 -14.29 15.94 21.72
N THR B 47 -15.20 15.68 22.65
CA THR B 47 -16.36 14.85 22.35
C THR B 47 -17.56 15.63 21.78
N LEU B 48 -17.53 16.96 21.89
CA LEU B 48 -18.50 17.82 21.22
C LEU B 48 -18.44 17.64 19.69
N GLU B 49 -19.50 17.99 18.99
CA GLU B 49 -19.45 18.08 17.55
C GLU B 49 -18.57 19.25 17.13
N PRO B 50 -17.97 19.16 15.96
CA PRO B 50 -17.11 20.26 15.55
C PRO B 50 -17.81 21.62 15.52
N GLU B 51 -19.07 21.64 15.10
CA GLU B 51 -19.86 22.87 14.95
C GLU B 51 -20.06 23.58 16.29
N GLN B 52 -20.06 22.77 17.37
CA GLN B 52 -20.22 23.25 18.73
C GLN B 52 -18.94 23.92 19.22
N ARG B 53 -17.78 23.33 18.88
CA ARG B 53 -16.50 23.98 19.15
C ARG B 53 -16.37 25.29 18.38
N ALA B 54 -16.76 25.30 17.10
CA ALA B 54 -16.74 26.50 16.28
C ALA B 54 -17.63 27.58 16.92
N GLU B 55 -18.76 27.13 17.41
CA GLU B 55 -19.71 28.00 18.06
C GLU B 55 -19.12 28.72 19.27
N ILE B 56 -18.36 27.99 20.09
CA ILE B 56 -17.68 28.58 21.25
C ILE B 56 -16.74 29.68 20.76
N ILE B 57 -16.01 29.38 19.71
CA ILE B 57 -14.98 30.31 19.22
C ILE B 57 -15.63 31.54 18.61
N HIS B 58 -16.74 31.34 17.90
CA HIS B 58 -17.48 32.45 17.29
C HIS B 58 -18.03 33.41 18.38
N HIS B 59 -18.54 32.83 19.47
CA HIS B 59 -19.07 33.63 20.55
C HIS B 59 -17.97 34.41 21.24
N LEU B 60 -16.81 33.77 21.42
CA LEU B 60 -15.67 34.45 21.99
C LEU B 60 -15.27 35.66 21.11
N ALA B 61 -15.21 35.42 19.79
CA ALA B 61 -14.89 36.48 18.82
C ALA B 61 -15.87 37.67 18.95
N ASP B 62 -17.17 37.37 19.06
CA ASP B 62 -18.20 38.40 19.28
C ASP B 62 -18.02 39.19 20.56
N LEU B 63 -17.75 38.46 21.66
CA LEU B 63 -17.50 39.07 22.96
C LEU B 63 -16.27 39.98 22.94
N LEU B 64 -15.26 39.66 22.11
CA LEU B 64 -14.09 40.55 22.01
C LEU B 64 -14.48 41.93 21.47
N THR B 65 -15.42 41.93 20.51
CA THR B 65 -15.96 43.15 19.92
C THR B 65 -16.91 43.82 20.90
N ASP B 66 -17.95 43.09 21.31
CA ASP B 66 -18.99 43.61 22.19
C ASP B 66 -18.43 44.23 23.46
N GLN B 67 -17.53 43.53 24.13
CA GLN B 67 -16.93 44.00 25.37
C GLN B 67 -15.64 44.77 25.20
N ARG B 68 -15.41 45.31 24.01
CA ARG B 68 -14.21 46.10 23.73
C ARG B 68 -13.89 47.12 24.82
N ASP B 69 -14.89 47.92 25.22
CA ASP B 69 -14.68 49.02 26.16
C ASP B 69 -14.17 48.55 27.52
N GLU B 70 -14.76 47.47 28.03
CA GLU B 70 -14.33 46.91 29.30
C GLU B 70 -12.95 46.23 29.20
N ILE B 71 -12.67 45.60 28.06
CA ILE B 71 -11.33 45.05 27.78
C ILE B 71 -10.28 46.17 27.82
N LEU B 72 -10.56 47.26 27.11
CA LEU B 72 -9.67 48.43 27.04
C LEU B 72 -9.42 49.09 28.37
N LEU B 73 -10.48 49.11 29.19
CA LEU B 73 -10.45 49.67 30.54
C LEU B 73 -9.54 48.86 31.47
N ALA B 74 -9.68 47.54 31.39
CA ALA B 74 -8.87 46.59 32.14
C ALA B 74 -7.41 46.68 31.73
N ASN B 75 -7.17 46.79 30.42
CA ASN B 75 -5.83 46.97 29.87
C ASN B 75 -5.21 48.32 30.29
N LYS B 76 -6.06 49.36 30.29
CA LYS B 76 -5.65 50.70 30.73
C LYS B 76 -5.12 50.68 32.17
N LYS B 77 -5.78 49.91 33.05
CA LYS B 77 -5.31 49.73 34.43
C LYS B 77 -3.91 49.08 34.50
N ASP B 78 -3.69 48.03 33.69
CA ASP B 78 -2.40 47.35 33.61
C ASP B 78 -1.31 48.30 33.14
N LEU B 79 -1.61 49.07 32.08
CA LEU B 79 -0.67 50.05 31.51
C LEU B 79 -0.30 51.14 32.51
N GLU B 80 -1.31 51.59 33.25
CA GLU B 80 -1.11 52.61 34.26
C GLU B 80 -0.21 52.11 35.40
N GLU B 81 -0.43 50.87 35.82
CA GLU B 81 0.34 50.30 36.92
C GLU B 81 1.76 49.91 36.48
N ALA B 82 1.92 49.70 35.17
CA ALA B 82 3.20 49.36 34.55
C ALA B 82 4.10 50.58 34.27
N GLU B 83 3.44 51.70 33.96
CA GLU B 83 4.06 52.98 33.62
C GLU B 83 5.20 53.35 34.57
N GLY B 84 6.41 53.46 34.00
CA GLY B 84 7.57 53.95 34.73
C GLY B 84 8.29 52.87 35.52
N ARG B 85 7.69 51.68 35.54
CA ARG B 85 8.05 50.64 36.51
C ARG B 85 8.49 49.35 35.83
N LEU B 86 7.73 48.94 34.80
CA LEU B 86 7.99 47.73 34.01
C LEU B 86 9.07 48.01 32.97
N ALA B 87 9.89 46.96 32.68
CA ALA B 87 10.93 47.08 31.67
C ALA B 87 10.27 47.17 30.26
N ALA B 88 10.83 48.06 29.42
CA ALA B 88 10.33 48.33 28.05
C ALA B 88 9.99 47.14 27.14
N PRO B 89 10.84 46.08 27.09
CA PRO B 89 10.42 44.92 26.26
C PRO B 89 9.03 44.38 26.64
N LEU B 90 8.77 44.26 27.94
CA LEU B 90 7.48 43.77 28.45
C LEU B 90 6.38 44.79 28.23
N LEU B 91 6.70 46.05 28.49
CA LEU B 91 5.70 47.11 28.32
C LEU B 91 5.20 47.28 26.90
N LYS B 92 6.07 47.19 25.89
CA LYS B 92 5.61 47.36 24.50
C LYS B 92 4.59 46.31 24.14
N ARG B 93 4.71 45.12 24.73
CA ARG B 93 3.81 44.00 24.44
C ARG B 93 2.55 43.99 25.31
N LEU B 94 2.39 45.00 26.16
CA LEU B 94 1.30 44.95 27.13
C LEU B 94 0.00 45.60 26.67
N SER B 95 0.09 46.55 25.74
CA SER B 95 -1.10 47.28 25.36
C SER B 95 -1.97 46.48 24.39
N LEU B 96 -3.27 46.67 24.54
CA LEU B 96 -4.26 46.14 23.63
C LEU B 96 -4.94 47.31 22.96
N SER B 97 -4.95 47.33 21.63
CA SER B 97 -5.61 48.41 20.92
C SER B 97 -6.91 47.92 20.34
N THR B 98 -7.78 48.86 19.97
CA THR B 98 -9.06 48.55 19.34
C THR B 98 -8.82 47.78 18.04
N SER B 99 -7.71 48.12 17.39
CA SER B 99 -7.23 47.49 16.16
C SER B 99 -6.85 46.02 16.36
N LYS B 100 -6.03 45.74 17.37
CA LYS B 100 -5.59 44.39 17.69
C LYS B 100 -6.80 43.51 18.04
N LEU B 101 -7.67 44.02 18.89
CA LEU B 101 -8.93 43.33 19.22
C LEU B 101 -9.75 42.99 17.98
N ASN B 102 -9.74 43.89 16.98
CA ASN B 102 -10.46 43.68 15.72
C ASN B 102 -9.83 42.53 14.95
N SER B 103 -8.50 42.51 14.92
CA SER B 103 -7.77 41.41 14.24
C SER B 103 -7.97 40.06 14.92
N LEU B 104 -7.98 40.07 16.25
CA LEU B 104 -8.26 38.86 17.05
C LEU B 104 -9.63 38.26 16.69
N ALA B 105 -10.64 39.11 16.70
CA ALA B 105 -11.98 38.70 16.36
C ALA B 105 -12.01 38.20 14.95
N ILE B 106 -11.34 38.86 14.00
CA ILE B 106 -11.34 38.33 12.62
C ILE B 106 -10.60 36.99 12.61
N GLY B 107 -9.49 36.89 13.36
CA GLY B 107 -8.69 35.67 13.40
C GLY B 107 -9.42 34.51 14.03
N LEU B 108 -10.07 34.77 15.16
CA LEU B 108 -10.96 33.74 15.78
C LEU B 108 -12.06 33.26 14.86
N ARG B 109 -12.68 34.16 14.10
CA ARG B 109 -13.69 33.66 13.14
C ARG B 109 -13.11 32.78 12.05
N GLN B 110 -11.88 33.08 11.63
CA GLN B 110 -11.21 32.22 10.64
C GLN B 110 -10.97 30.82 11.21
N ILE B 111 -10.54 30.74 12.47
CA ILE B 111 -10.37 29.46 13.16
C ILE B 111 -11.70 28.73 13.25
N ALA B 112 -12.73 29.41 13.72
CA ALA B 112 -14.05 28.80 13.82
C ALA B 112 -14.48 28.23 12.47
N ALA B 113 -14.28 28.99 11.39
CA ALA B 113 -14.81 28.59 10.07
C ALA B 113 -13.99 27.49 9.36
N SER B 114 -12.75 27.27 9.79
CA SER B 114 -11.88 26.36 9.06
C SER B 114 -11.50 25.11 9.84
N SER B 115 -12.08 24.92 11.02
CA SER B 115 -11.58 23.94 11.98
C SER B 115 -12.43 22.70 12.10
N GLN B 116 -13.43 22.53 11.25
CA GLN B 116 -14.41 21.49 11.50
C GLN B 116 -13.95 20.05 11.25
N ASP B 117 -13.00 19.85 10.36
CA ASP B 117 -12.47 18.50 10.12
C ASP B 117 -11.17 18.20 10.89
N SER B 118 -10.81 19.08 11.82
CA SER B 118 -9.50 19.03 12.46
C SER B 118 -9.25 17.83 13.38
N VAL B 119 -10.22 17.58 14.25
CA VAL B 119 -10.15 16.56 15.28
C VAL B 119 -10.84 15.31 14.78
N GLY B 120 -10.13 14.19 14.83
CA GLY B 120 -10.74 12.93 14.38
C GLY B 120 -10.58 12.73 12.88
N ARG B 121 -9.78 13.57 12.23
CA ARG B 121 -9.57 13.46 10.78
C ARG B 121 -8.83 12.18 10.45
N VAL B 122 -9.30 11.47 9.42
CA VAL B 122 -8.65 10.23 8.98
C VAL B 122 -7.44 10.54 8.10
N LEU B 123 -6.27 10.11 8.56
CA LEU B 123 -5.03 10.36 7.86
C LEU B 123 -4.62 9.21 6.98
N ARG B 124 -4.86 7.99 7.45
CA ARG B 124 -4.61 6.78 6.67
C ARG B 124 -5.74 5.81 6.95
N ARG B 125 -6.04 5.00 5.96
CA ARG B 125 -7.03 3.97 6.06
C ARG B 125 -6.50 2.82 5.25
N THR B 126 -6.22 1.70 5.93
CA THR B 126 -5.66 0.52 5.24
C THR B 126 -6.34 -0.78 5.60
N ARG B 127 -6.68 -1.55 4.56
CA ARG B 127 -7.18 -2.90 4.76
C ARG B 127 -5.93 -3.78 4.93
N ILE B 128 -5.59 -4.10 6.17
CA ILE B 128 -4.37 -4.85 6.46
C ILE B 128 -4.51 -6.26 5.89
N ALA B 129 -5.67 -6.86 6.14
CA ALA B 129 -5.97 -8.20 5.64
C ALA B 129 -7.47 -8.25 5.65
N LYS B 130 -8.05 -9.30 5.08
CA LYS B 130 -9.51 -9.42 5.13
C LYS B 130 -9.94 -9.39 6.59
N ASN B 131 -10.92 -8.53 6.89
CA ASN B 131 -11.49 -8.39 8.22
C ASN B 131 -10.54 -7.77 9.25
N LEU B 132 -9.49 -7.10 8.76
CA LEU B 132 -8.51 -6.47 9.61
C LEU B 132 -8.21 -5.10 9.04
N GLU B 133 -8.82 -4.09 9.64
CA GLU B 133 -8.84 -2.75 9.09
C GLU B 133 -8.15 -1.75 9.99
N LEU B 134 -7.26 -0.95 9.41
CA LEU B 134 -6.52 0.04 10.19
C LEU B 134 -6.89 1.44 9.76
N GLU B 135 -6.92 2.36 10.72
CA GLU B 135 -6.98 3.77 10.38
C GLU B 135 -6.07 4.54 11.33
N GLN B 136 -5.50 5.64 10.82
CA GLN B 136 -4.76 6.56 11.66
C GLN B 136 -5.55 7.88 11.73
N VAL B 137 -5.83 8.34 12.94
CA VAL B 137 -6.63 9.58 13.07
C VAL B 137 -5.95 10.63 13.94
N THR B 138 -6.39 11.89 13.81
CA THR B 138 -5.88 12.98 14.69
C THR B 138 -6.63 12.99 16.00
N VAL B 139 -5.93 13.30 17.08
CA VAL B 139 -6.54 13.41 18.42
C VAL B 139 -5.87 14.61 19.10
N PRO B 140 -6.50 15.18 20.16
CA PRO B 140 -5.76 16.26 20.83
C PRO B 140 -4.48 15.77 21.50
N ILE B 141 -3.52 16.66 21.64
CA ILE B 141 -2.33 16.40 22.42
C ILE B 141 -2.69 16.09 23.88
N GLY B 142 -3.73 16.76 24.39
CA GLY B 142 -4.24 16.55 25.75
C GLY B 142 -4.46 17.86 26.50
N VAL B 143 -3.45 18.25 27.29
CA VAL B 143 -3.48 19.48 28.07
C VAL B 143 -2.23 20.31 27.83
N LEU B 144 -2.44 21.56 27.50
CA LEU B 144 -1.38 22.50 27.22
C LEU B 144 -1.17 23.45 28.37
N LEU B 145 0.09 23.80 28.61
CA LEU B 145 0.41 24.90 29.50
C LEU B 145 1.06 26.03 28.71
N VAL B 146 0.37 27.16 28.64
CA VAL B 146 0.94 28.36 28.03
C VAL B 146 1.46 29.30 29.14
N ILE B 147 2.78 29.52 29.17
CA ILE B 147 3.42 30.44 30.11
C ILE B 147 3.85 31.67 29.31
N PHE B 148 3.16 32.79 29.56
CA PHE B 148 3.40 34.00 28.80
C PHE B 148 3.66 35.20 29.71
N GLU B 149 4.69 35.98 29.40
CA GLU B 149 4.86 37.30 30.05
C GLU B 149 4.24 38.37 29.19
N SER B 150 3.68 39.36 29.85
CA SER B 150 2.98 40.43 29.15
C SER B 150 1.97 39.80 28.18
N ARG B 151 1.92 40.29 26.94
CA ARG B 151 1.11 39.68 25.87
C ARG B 151 -0.35 39.29 26.16
N PRO B 152 -1.17 40.19 26.72
CA PRO B 152 -2.55 39.70 26.88
C PRO B 152 -3.21 39.29 25.57
N ASP B 153 -2.73 39.84 24.45
CA ASP B 153 -3.33 39.52 23.16
C ASP B 153 -3.17 38.04 22.77
N CYS B 154 -2.23 37.32 23.39
CA CYS B 154 -2.10 35.90 23.05
C CYS B 154 -3.15 35.04 23.75
N LEU B 155 -3.73 35.51 24.85
CA LEU B 155 -4.64 34.68 25.58
C LEU B 155 -5.83 34.17 24.72
N PRO B 156 -6.57 35.09 24.03
CA PRO B 156 -7.64 34.60 23.14
C PRO B 156 -7.13 33.78 21.96
N GLN B 157 -5.93 34.06 21.47
CA GLN B 157 -5.36 33.25 20.40
C GLN B 157 -5.15 31.79 20.84
N VAL B 158 -4.51 31.57 21.99
CA VAL B 158 -4.19 30.21 22.41
C VAL B 158 -5.42 29.51 22.91
N ALA B 159 -6.36 30.25 23.48
CA ALA B 159 -7.58 29.64 23.95
C ALA B 159 -8.41 29.12 22.75
N ALA B 160 -8.54 29.95 21.72
CA ALA B 160 -9.34 29.57 20.54
C ALA B 160 -8.71 28.40 19.82
N LEU B 161 -7.38 28.39 19.72
CA LEU B 161 -6.68 27.29 19.06
C LEU B 161 -6.79 25.99 19.86
N ALA B 162 -6.74 26.11 21.20
CA ALA B 162 -6.92 24.94 22.08
C ALA B 162 -8.32 24.35 21.91
N ILE B 163 -9.31 25.24 21.97
CA ILE B 163 -10.72 24.88 21.82
C ILE B 163 -10.96 24.18 20.49
N ALA B 164 -10.42 24.75 19.41
CA ALA B 164 -10.56 24.17 18.06
C ALA B 164 -9.90 22.82 17.91
N SER B 165 -8.85 22.57 18.69
CA SER B 165 -8.11 21.32 18.60
C SER B 165 -8.53 20.30 19.70
N GLY B 166 -9.53 20.65 20.51
CA GLY B 166 -10.03 19.74 21.55
C GLY B 166 -9.10 19.56 22.75
N ASN B 167 -8.25 20.55 22.99
CA ASN B 167 -7.27 20.47 24.09
C ASN B 167 -7.78 21.14 25.36
N GLY B 168 -7.34 20.62 26.51
CA GLY B 168 -7.40 21.39 27.75
C GLY B 168 -6.27 22.41 27.82
N LEU B 169 -6.48 23.48 28.58
CA LEU B 169 -5.50 24.56 28.64
C LEU B 169 -5.34 25.18 30.02
N LEU B 170 -4.08 25.33 30.42
CA LEU B 170 -3.72 26.14 31.58
C LEU B 170 -2.95 27.35 31.10
N LEU B 171 -3.36 28.52 31.59
CA LEU B 171 -2.74 29.79 31.23
C LEU B 171 -1.97 30.35 32.41
N LYS B 172 -0.68 30.56 32.24
CA LYS B 172 0.14 31.21 33.27
C LYS B 172 0.71 32.53 32.77
N GLY B 173 0.07 33.62 33.18
CA GLY B 173 0.41 34.95 32.73
C GLY B 173 1.19 35.67 33.82
N GLY B 174 1.68 36.86 33.51
CA GLY B 174 2.44 37.66 34.48
C GLY B 174 1.59 38.65 35.27
N LYS B 175 2.12 39.13 36.38
CA LYS B 175 1.43 40.15 37.19
C LYS B 175 1.12 41.40 36.38
N GLU B 176 2.04 41.77 35.49
CA GLU B 176 1.89 42.96 34.65
C GLU B 176 0.59 42.97 33.83
N ALA B 177 0.08 41.80 33.44
CA ALA B 177 -1.11 41.70 32.58
C ALA B 177 -2.38 41.19 33.31
N ALA B 178 -2.34 41.20 34.64
CA ALA B 178 -3.38 40.59 35.48
C ALA B 178 -4.81 41.00 35.15
N HIS B 179 -5.06 42.31 35.00
CA HIS B 179 -6.41 42.81 34.68
C HIS B 179 -6.86 42.41 33.29
N SER B 180 -5.95 42.53 32.33
CA SER B 180 -6.25 42.18 30.97
C SER B 180 -6.54 40.67 30.87
N ASN B 181 -5.66 39.85 31.42
CA ASN B 181 -5.82 38.38 31.35
C ASN B 181 -7.09 37.95 32.08
N ARG B 182 -7.39 38.60 33.21
CA ARG B 182 -8.55 38.26 33.99
C ARG B 182 -9.84 38.40 33.16
N ILE B 183 -9.98 39.55 32.50
CA ILE B 183 -11.20 39.76 31.70
C ILE B 183 -11.22 38.86 30.47
N LEU B 184 -10.08 38.69 29.80
CA LEU B 184 -10.04 37.84 28.62
C LEU B 184 -10.32 36.36 28.96
N HIS B 185 -9.86 35.92 30.13
CA HIS B 185 -10.20 34.59 30.62
C HIS B 185 -11.69 34.48 30.97
N LEU B 186 -12.23 35.51 31.60
CA LEU B 186 -13.65 35.56 31.93
C LEU B 186 -14.50 35.38 30.68
N LEU B 187 -14.18 36.15 29.63
CA LEU B 187 -14.92 36.06 28.38
C LEU B 187 -14.74 34.70 27.71
N THR B 188 -13.55 34.12 27.82
CA THR B 188 -13.31 32.78 27.26
C THR B 188 -14.23 31.78 27.94
N GLN B 189 -14.30 31.88 29.26
CA GLN B 189 -15.13 31.01 30.07
C GLN B 189 -16.62 31.18 29.81
N GLU B 190 -17.05 32.40 29.55
CA GLU B 190 -18.46 32.57 29.19
C GLU B 190 -18.82 32.03 27.81
N ALA B 191 -17.86 32.01 26.87
CA ALA B 191 -18.06 31.37 25.56
C ALA B 191 -18.15 29.86 25.75
N LEU B 192 -17.20 29.32 26.53
CA LEU B 192 -17.15 27.88 26.82
C LEU B 192 -18.42 27.40 27.52
N SER B 193 -19.03 28.26 28.31
CA SER B 193 -20.21 27.88 29.08
C SER B 193 -21.41 27.46 28.21
N ILE B 194 -21.47 27.95 26.97
CA ILE B 194 -22.60 27.61 26.10
C ILE B 194 -22.66 26.11 25.87
N HIS B 195 -21.53 25.43 25.98
CA HIS B 195 -21.55 23.96 25.94
C HIS B 195 -21.13 23.25 27.25
N GLY B 196 -21.15 23.99 28.35
CA GLY B 196 -20.83 23.42 29.66
C GLY B 196 -19.38 22.99 29.82
N VAL B 197 -18.46 23.68 29.13
CA VAL B 197 -17.04 23.31 29.20
C VAL B 197 -16.11 24.43 29.70
N LYS B 198 -16.61 25.23 30.65
CA LYS B 198 -15.81 26.27 31.32
C LYS B 198 -14.45 25.76 31.76
N GLU B 199 -14.45 24.56 32.34
CA GLU B 199 -13.28 23.97 32.99
C GLU B 199 -12.10 23.71 32.06
N ALA B 200 -12.36 23.66 30.75
CA ALA B 200 -11.33 23.36 29.76
C ALA B 200 -10.21 24.42 29.77
N VAL B 201 -10.52 25.63 30.21
CA VAL B 201 -9.54 26.70 30.20
C VAL B 201 -9.33 27.26 31.60
N GLN B 202 -8.17 26.94 32.18
CA GLN B 202 -7.81 27.33 33.52
C GLN B 202 -6.84 28.50 33.53
N LEU B 203 -7.03 29.43 34.48
CA LEU B 203 -6.10 30.53 34.66
C LEU B 203 -5.31 30.29 35.93
N VAL B 204 -4.00 30.11 35.77
CA VAL B 204 -3.13 29.72 36.88
C VAL B 204 -2.77 31.01 37.65
N ASN B 205 -2.91 30.96 38.97
CA ASN B 205 -2.62 32.11 39.83
C ASN B 205 -1.15 32.49 39.73
N THR B 206 -0.85 33.78 39.62
CA THR B 206 0.52 34.25 39.54
C THR B 206 1.32 33.93 40.83
N ARG B 207 0.60 33.51 41.87
CA ARG B 207 1.22 32.90 43.04
C ARG B 207 2.06 31.68 42.69
N GLU B 208 1.55 30.81 41.82
CA GLU B 208 2.24 29.57 41.48
C GLU B 208 3.54 29.83 40.72
N GLU B 209 4.55 29.00 41.02
CA GLU B 209 5.89 29.15 40.44
C GLU B 209 6.05 28.31 39.19
N VAL B 210 6.93 28.75 38.28
CA VAL B 210 7.16 28.08 36.99
C VAL B 210 7.95 26.76 37.19
N GLU B 211 7.33 25.86 37.94
CA GLU B 211 8.00 24.65 38.42
C GLU B 211 6.96 23.63 38.82
N LEU B 216 5.80 18.43 36.57
CA LEU B 216 4.35 18.34 36.35
C LEU B 216 3.97 17.45 35.14
N ASP B 217 4.72 16.37 34.96
CA ASP B 217 4.65 15.55 33.73
C ASP B 217 3.41 14.66 33.54
N LYS B 218 2.75 14.32 34.62
CA LYS B 218 1.54 13.49 34.59
C LYS B 218 0.30 14.28 34.18
N ILE B 220 0.48 17.77 32.36
CA ILE B 220 0.64 18.60 31.18
C ILE B 220 1.37 17.84 30.07
N ASP B 221 0.81 17.90 28.86
CA ASP B 221 1.41 17.22 27.71
C ASP B 221 2.34 18.11 26.89
N LEU B 222 2.17 19.42 26.98
CA LEU B 222 2.99 20.35 26.21
C LEU B 222 3.09 21.69 26.89
N ILE B 223 4.30 22.23 26.96
CA ILE B 223 4.55 23.58 27.42
C ILE B 223 4.86 24.55 26.27
N ILE B 224 4.15 25.66 26.26
CA ILE B 224 4.37 26.69 25.26
C ILE B 224 4.75 28.01 25.95
N PRO B 225 6.06 28.36 25.92
CA PRO B 225 6.53 29.59 26.54
C PRO B 225 6.44 30.75 25.56
N ARG B 226 6.08 31.92 26.07
CA ARG B 226 6.01 33.12 25.25
C ARG B 226 6.64 34.24 26.05
N GLY B 227 7.87 34.57 25.69
CA GLY B 227 8.63 35.56 26.39
C GLY B 227 10.10 35.57 25.98
N SER B 228 10.95 36.02 26.90
CA SER B 228 12.33 36.32 26.58
C SER B 228 13.13 35.05 26.42
N SER B 229 14.30 35.15 25.79
CA SER B 229 15.20 34.02 25.57
C SER B 229 15.49 33.32 26.89
N GLN B 230 15.65 34.13 27.93
CA GLN B 230 15.90 33.69 29.30
C GLN B 230 14.75 32.84 29.84
N LEU B 231 13.54 33.38 29.80
CA LEU B 231 12.35 32.62 30.17
C LEU B 231 12.26 31.30 29.40
N VAL B 232 12.43 31.40 28.08
CA VAL B 232 12.31 30.26 27.18
C VAL B 232 13.35 29.18 27.51
N ARG B 233 14.57 29.62 27.81
CA ARG B 233 15.66 28.72 28.16
C ARG B 233 15.52 28.20 29.60
N ASP B 234 15.03 29.03 30.52
CA ASP B 234 14.78 28.59 31.89
C ASP B 234 13.69 27.53 31.92
N ILE B 235 12.69 27.70 31.05
CA ILE B 235 11.61 26.73 30.95
C ILE B 235 12.13 25.43 30.37
N GLN B 236 12.86 25.53 29.26
CA GLN B 236 13.49 24.38 28.60
C GLN B 236 14.30 23.54 29.59
N LYS B 237 14.91 24.22 30.56
CA LYS B 237 15.74 23.58 31.58
C LYS B 237 14.92 22.91 32.69
N ALA B 238 13.87 23.59 33.14
CA ALA B 238 13.02 23.12 34.23
C ALA B 238 12.05 22.01 33.80
N ALA B 239 11.83 21.89 32.49
CA ALA B 239 10.92 20.89 31.96
C ALA B 239 11.67 19.62 31.58
N LYS B 240 11.91 18.77 32.56
CA LYS B 240 12.35 17.41 32.29
C LYS B 240 11.08 16.56 32.14
N GLY B 241 10.98 15.85 31.02
CA GLY B 241 9.79 15.08 30.71
C GLY B 241 8.97 15.74 29.62
N ILE B 242 8.45 16.93 29.91
CA ILE B 242 7.49 17.61 29.07
C ILE B 242 8.10 18.35 27.91
N PRO B 243 7.64 18.07 26.70
CA PRO B 243 8.05 18.85 25.54
C PRO B 243 7.75 20.34 25.68
N VAL B 244 8.69 21.17 25.20
CA VAL B 244 8.56 22.63 25.18
C VAL B 244 8.56 23.14 23.73
N GLY B 246 8.59 26.22 20.91
CA GLY B 246 8.86 27.63 20.61
C GLY B 246 10.19 27.92 19.96
N HIS B 247 10.70 29.11 20.25
CA HIS B 247 12.00 29.59 19.75
C HIS B 247 12.65 30.36 20.89
N SER B 248 13.96 30.21 21.02
CA SER B 248 14.70 31.07 21.95
C SER B 248 15.39 32.22 21.24
N GLU B 249 15.33 32.26 19.91
CA GLU B 249 16.06 33.30 19.19
C GLU B 249 15.63 33.64 17.76
N GLY B 250 15.83 34.88 17.35
CA GLY B 250 15.41 35.35 16.03
C GLY B 250 16.49 36.15 15.34
N ILE B 251 17.56 35.47 14.95
CA ILE B 251 18.57 36.07 14.12
C ILE B 251 18.15 35.82 12.68
N CYS B 252 17.59 36.87 12.08
CA CYS B 252 16.95 36.83 10.78
C CYS B 252 17.72 37.67 9.77
N HIS B 253 17.78 37.15 8.54
CA HIS B 253 18.57 37.76 7.48
C HIS B 253 17.71 38.18 6.32
N TYR B 255 18.71 38.97 2.29
CA TYR B 255 19.77 38.97 1.28
C TYR B 255 19.36 39.81 0.10
N VAL B 256 20.12 40.88 -0.13
CA VAL B 256 19.87 41.76 -1.25
C VAL B 256 20.71 41.27 -2.42
N ASP B 257 20.03 40.60 -3.35
CA ASP B 257 20.69 40.02 -4.51
C ASP B 257 21.12 41.10 -5.51
N SER B 258 22.12 40.78 -6.34
CA SER B 258 22.60 41.66 -7.41
C SER B 258 21.50 42.13 -8.37
N GLU B 259 20.48 41.29 -8.53
CA GLU B 259 19.29 41.59 -9.35
C GLU B 259 18.10 42.19 -8.58
N ALA B 260 18.37 42.74 -7.40
CA ALA B 260 17.36 43.39 -6.60
C ALA B 260 16.85 44.66 -7.28
N SER B 261 15.54 44.89 -7.17
CA SER B 261 14.95 46.10 -7.70
C SER B 261 15.23 47.30 -6.80
N VAL B 262 15.81 48.36 -7.39
CA VAL B 262 16.06 49.63 -6.69
C VAL B 262 14.77 50.23 -6.12
N ASP B 263 13.64 49.88 -6.73
CA ASP B 263 12.34 50.39 -6.28
C ASP B 263 11.80 49.69 -5.02
N LYS B 264 12.35 48.51 -4.70
CA LYS B 264 11.81 47.66 -3.65
C LYS B 264 12.67 47.54 -2.39
N VAL B 265 13.98 47.68 -2.55
CA VAL B 265 14.90 47.30 -1.49
C VAL B 265 14.71 48.09 -0.22
N THR B 266 14.64 49.41 -0.35
CA THR B 266 14.60 50.32 0.79
C THR B 266 13.37 50.04 1.69
N ARG B 267 12.19 49.96 1.09
CA ARG B 267 10.95 49.74 1.88
C ARG B 267 11.00 48.39 2.59
N LEU B 268 11.58 47.41 1.92
CA LEU B 268 11.71 46.08 2.50
C LEU B 268 12.66 46.02 3.71
N VAL B 269 13.78 46.73 3.62
CA VAL B 269 14.77 46.74 4.68
C VAL B 269 14.19 47.59 5.80
N ARG B 270 13.59 48.72 5.44
CA ARG B 270 12.98 49.61 6.42
C ARG B 270 11.98 48.83 7.30
N ASP B 271 11.08 48.09 6.65
CA ASP B 271 9.99 47.40 7.37
C ASP B 271 10.53 46.29 8.24
N SER B 272 11.41 45.48 7.66
CA SER B 272 12.04 44.35 8.36
C SER B 272 12.78 44.76 9.64
N LYS B 273 13.46 45.92 9.59
CA LYS B 273 14.29 46.37 10.72
C LYS B 273 13.52 47.29 11.66
N CYS B 274 12.81 48.25 11.08
CA CYS B 274 12.26 49.38 11.82
C CYS B 274 10.78 49.27 12.23
N GLU B 275 9.99 48.46 11.53
CA GLU B 275 8.54 48.40 11.82
C GLU B 275 8.34 47.98 13.29
N TYR B 276 9.11 47.00 13.76
CA TYR B 276 9.08 46.54 15.14
C TYR B 276 10.38 45.86 15.53
N PRO B 277 11.39 46.67 15.89
CA PRO B 277 12.75 46.17 16.16
C PRO B 277 12.84 45.06 17.22
N ALA B 278 11.95 45.06 18.20
CA ALA B 278 12.02 44.07 19.24
C ALA B 278 11.44 42.71 18.83
N ALA B 279 10.71 42.67 17.73
CA ALA B 279 10.10 41.43 17.22
C ALA B 279 11.13 40.33 17.01
N CYS B 280 10.73 39.07 17.23
CA CYS B 280 11.61 37.93 16.97
C CYS B 280 11.97 37.81 15.48
N ASN B 281 11.12 38.35 14.60
CA ASN B 281 11.38 38.29 13.17
C ASN B 281 11.86 39.62 12.58
N ALA B 282 12.24 40.56 13.45
CA ALA B 282 12.97 41.74 12.96
C ALA B 282 14.29 41.30 12.32
N LEU B 283 14.63 42.02 11.27
CA LEU B 283 15.91 41.90 10.56
C LEU B 283 17.09 42.19 11.48
N GLU B 284 18.08 41.29 11.46
CA GLU B 284 19.27 41.46 12.29
C GLU B 284 20.54 41.58 11.45
N THR B 285 20.62 40.82 10.36
CA THR B 285 21.76 40.93 9.46
C THR B 285 21.30 41.14 8.02
N LEU B 286 21.71 42.26 7.45
CA LEU B 286 21.52 42.54 6.03
C LEU B 286 22.73 42.06 5.23
N LEU B 287 22.49 41.11 4.33
CA LEU B 287 23.51 40.58 3.44
C LEU B 287 23.41 41.22 2.06
N ILE B 288 24.53 41.77 1.59
CA ILE B 288 24.55 42.53 0.35
C ILE B 288 25.56 41.99 -0.67
N HIS B 289 25.09 41.86 -1.94
CA HIS B 289 25.94 41.42 -3.04
C HIS B 289 27.05 42.43 -3.43
N ARG B 290 28.25 41.90 -3.69
CA ARG B 290 29.45 42.67 -4.11
C ARG B 290 29.23 43.75 -5.17
N ASP B 291 28.55 43.35 -6.25
CA ASP B 291 28.28 44.19 -7.42
C ASP B 291 27.39 45.41 -7.06
N LEU B 292 26.84 45.44 -5.82
CA LEU B 292 25.92 46.51 -5.38
C LEU B 292 26.56 47.54 -4.44
N LEU B 293 27.83 47.32 -4.11
CA LEU B 293 28.56 48.23 -3.22
C LEU B 293 28.61 49.70 -3.69
N ARG B 294 29.04 49.86 -4.97
CA ARG B 294 29.24 51.20 -5.53
C ARG B 294 28.03 51.62 -6.36
N THR B 295 26.86 51.58 -5.73
CA THR B 295 25.60 51.67 -6.46
C THR B 295 24.64 52.64 -5.76
N PRO B 296 23.77 53.33 -6.55
CA PRO B 296 22.72 54.20 -5.97
C PRO B 296 21.74 53.42 -5.07
N LEU B 297 21.43 52.18 -5.45
CA LEU B 297 20.59 51.29 -4.63
C LEU B 297 21.15 51.19 -3.21
N PHE B 298 22.46 50.98 -3.11
CA PHE B 298 23.14 50.87 -1.82
C PHE B 298 23.13 52.16 -1.02
N ASP B 299 23.39 53.29 -1.69
CA ASP B 299 23.37 54.61 -1.08
C ASP B 299 21.99 54.92 -0.48
N GLN B 300 20.95 54.63 -1.24
CA GLN B 300 19.57 54.79 -0.79
C GLN B 300 19.27 54.02 0.51
N ILE B 301 19.76 52.78 0.60
CA ILE B 301 19.68 51.98 1.83
C ILE B 301 20.35 52.68 3.02
N ILE B 302 21.62 53.08 2.86
CA ILE B 302 22.38 53.72 3.94
C ILE B 302 21.76 55.07 4.36
N ASP B 303 21.47 55.94 3.33
CA ASP B 303 20.70 57.19 3.53
C ASP B 303 19.46 56.95 4.44
N LEU B 305 18.81 54.32 6.42
CA LEU B 305 19.17 53.83 7.74
C LEU B 305 19.55 54.94 8.73
N ARG B 306 20.30 55.97 8.23
CA ARG B 306 20.59 57.17 9.02
C ARG B 306 19.31 57.94 9.40
N VAL B 307 18.50 58.28 8.35
CA VAL B 307 17.13 58.78 8.62
C VAL B 307 16.37 57.98 9.71
N GLU B 308 16.38 56.63 9.60
CA GLU B 308 15.64 55.73 10.52
C GLU B 308 16.32 55.47 11.86
N GLN B 309 17.48 56.10 12.08
CA GLN B 309 18.24 56.05 13.34
C GLN B 309 18.65 54.61 13.75
N VAL B 310 19.22 53.91 12.73
CA VAL B 310 19.73 52.55 12.87
C VAL B 310 21.28 52.55 12.88
N LYS B 311 21.89 52.06 13.95
CA LYS B 311 23.35 51.98 14.05
C LYS B 311 23.91 50.83 13.19
N ILE B 312 24.83 51.07 12.29
CA ILE B 312 25.33 49.99 11.45
C ILE B 312 26.62 49.32 11.95
N HIS B 313 26.61 48.00 12.00
CA HIS B 313 27.75 47.15 12.42
C HIS B 313 28.22 46.39 11.19
N ALA B 314 29.39 46.74 10.70
CA ALA B 314 29.92 46.14 9.48
C ALA B 314 30.46 44.74 9.72
N GLY B 315 30.35 43.86 8.60
CA GLY B 315 30.99 42.55 8.73
C GLY B 315 32.44 42.61 8.24
N PRO B 316 33.23 41.56 8.53
CA PRO B 316 34.62 41.51 8.10
C PRO B 316 34.72 41.76 6.59
N LYS B 317 33.75 41.11 5.79
CA LYS B 317 33.78 41.24 4.34
C LYS B 317 33.36 42.65 3.91
N PHE B 318 32.35 43.19 4.63
CA PHE B 318 31.84 44.52 4.29
C PHE B 318 32.83 45.64 4.66
N ALA B 319 33.58 45.39 5.77
CA ALA B 319 34.64 46.31 6.19
C ALA B 319 35.74 46.46 5.14
N SER B 320 36.11 45.34 4.51
CA SER B 320 37.20 45.25 3.54
C SER B 320 37.03 46.14 2.29
N TYR B 321 35.78 46.44 1.93
CA TYR B 321 35.47 47.31 0.78
C TYR B 321 35.39 48.81 1.10
N LEU B 322 36.15 49.18 2.44
CA LEU B 322 36.01 50.59 2.81
C LEU B 322 37.29 51.41 3.05
N THR B 323 37.29 52.65 2.50
CA THR B 323 38.50 53.52 2.64
C THR B 323 38.83 53.89 4.07
N PHE B 324 37.75 53.88 4.92
CA PHE B 324 37.88 54.26 6.37
C PHE B 324 37.98 53.06 7.34
N VAL B 329 32.75 44.72 14.72
CA VAL B 329 31.43 44.06 14.69
C VAL B 329 31.09 43.39 16.03
N LYS B 330 31.84 42.34 16.38
CA LYS B 330 31.72 41.57 17.63
C LYS B 330 31.26 40.13 17.41
N SER B 331 30.07 39.98 16.82
CA SER B 331 29.50 38.66 16.53
C SER B 331 28.49 38.73 15.39
N LEU B 332 28.47 37.72 14.54
CA LEU B 332 27.51 37.62 13.46
C LEU B 332 26.27 36.81 13.86
N ARG B 333 26.24 36.43 15.13
CA ARG B 333 25.13 35.70 15.73
C ARG B 333 24.47 36.54 16.80
N THR B 334 24.12 37.74 16.45
CA THR B 334 23.60 38.72 17.39
C THR B 334 22.18 39.13 17.04
N GLU B 335 21.27 39.05 17.99
CA GLU B 335 19.98 39.68 17.88
C GLU B 335 20.00 40.98 18.64
N TYR B 336 19.98 42.06 17.91
CA TYR B 336 20.07 43.37 18.55
C TYR B 336 18.76 43.72 19.30
N GLY B 337 17.61 43.40 18.69
CA GLY B 337 16.30 43.66 19.27
C GLY B 337 16.06 45.14 19.48
N ASP B 338 16.70 45.96 18.64
CA ASP B 338 16.60 47.43 18.66
C ASP B 338 17.04 47.99 17.31
N LEU B 339 17.19 49.31 17.25
CA LEU B 339 17.62 49.98 16.02
C LEU B 339 19.13 49.86 15.75
N GLU B 340 19.60 48.63 15.66
CA GLU B 340 20.97 48.29 15.28
C GLU B 340 20.92 47.18 14.22
N LEU B 341 21.92 47.14 13.37
CA LEU B 341 21.92 46.25 12.23
C LEU B 341 23.32 45.87 11.76
N CYS B 342 23.54 44.58 11.59
CA CYS B 342 24.74 44.13 10.91
C CYS B 342 24.54 44.14 9.41
N ILE B 343 25.43 44.86 8.73
CA ILE B 343 25.52 44.78 7.28
C ILE B 343 26.76 43.95 6.93
N GLU B 344 26.56 42.86 6.24
CA GLU B 344 27.66 42.13 5.68
C GLU B 344 27.52 41.93 4.20
N VAL B 345 28.64 41.92 3.54
CA VAL B 345 28.72 41.71 2.09
C VAL B 345 28.84 40.22 1.81
N VAL B 346 28.28 39.77 0.72
CA VAL B 346 28.53 38.43 0.30
C VAL B 346 28.83 38.37 -1.16
N ASP B 347 29.33 37.25 -1.59
CA ASP B 347 29.84 37.12 -2.98
C ASP B 347 28.76 36.73 -4.00
N ASN B 348 27.80 35.93 -3.56
CA ASN B 348 26.78 35.34 -4.41
C ASN B 348 25.67 34.71 -3.54
N VAL B 349 24.61 34.21 -4.18
CA VAL B 349 23.53 33.54 -3.45
C VAL B 349 24.03 32.45 -2.53
N GLN B 350 24.96 31.64 -3.03
CA GLN B 350 25.49 30.51 -2.25
C GLN B 350 26.15 30.98 -0.96
N ASP B 351 26.95 32.05 -1.07
CA ASP B 351 27.59 32.72 0.08
C ASP B 351 26.51 33.18 1.08
N ALA B 352 25.47 33.84 0.58
CA ALA B 352 24.32 34.26 1.39
C ALA B 352 23.72 33.07 2.13
N ILE B 353 23.37 32.02 1.39
CA ILE B 353 22.81 30.77 1.96
C ILE B 353 23.73 30.18 3.04
N ASP B 354 25.02 30.04 2.73
CA ASP B 354 26.02 29.53 3.67
C ASP B 354 26.05 30.38 4.94
N HIS B 355 26.04 31.69 4.77
CA HIS B 355 26.04 32.62 5.91
C HIS B 355 24.81 32.41 6.78
N ILE B 356 23.65 32.34 6.13
CA ILE B 356 22.39 32.16 6.85
C ILE B 356 22.39 30.87 7.66
N HIS B 357 22.93 29.79 7.08
CA HIS B 357 22.96 28.53 7.77
C HIS B 357 23.95 28.55 8.94
N LYS B 358 25.10 29.18 8.69
CA LYS B 358 26.14 29.28 9.73
C LYS B 358 25.70 30.12 10.92
N TYR B 359 25.11 31.28 10.66
CA TYR B 359 24.89 32.25 11.74
C TYR B 359 23.44 32.39 12.21
N GLY B 360 22.49 32.00 11.36
CA GLY B 360 21.07 32.28 11.62
C GLY B 360 20.42 31.36 12.64
N SER B 361 19.21 31.69 13.04
CA SER B 361 18.48 30.85 14.01
C SER B 361 17.36 30.03 13.35
N SER B 362 17.38 29.95 12.02
CA SER B 362 16.44 29.12 11.23
C SER B 362 15.00 29.58 11.47
N HIS B 363 14.82 30.87 11.68
CA HIS B 363 13.53 31.42 11.96
C HIS B 363 12.92 31.98 10.66
N THR B 364 13.30 33.21 10.29
CA THR B 364 12.79 33.85 9.08
C THR B 364 13.96 34.42 8.26
N ASP B 365 14.04 34.08 6.98
CA ASP B 365 15.12 34.62 6.15
C ASP B 365 14.61 34.95 4.78
N VAL B 366 15.10 36.04 4.20
CA VAL B 366 14.47 36.60 3.00
C VAL B 366 15.48 36.93 1.89
N ILE B 367 15.06 36.73 0.64
CA ILE B 367 15.82 37.18 -0.52
C ILE B 367 15.07 38.32 -1.21
N VAL B 368 15.79 39.39 -1.55
CA VAL B 368 15.27 40.45 -2.43
C VAL B 368 15.98 40.34 -3.78
N THR B 369 15.20 40.03 -4.82
CA THR B 369 15.72 39.88 -6.19
C THR B 369 14.62 39.91 -7.21
N GLU B 370 14.97 40.31 -8.44
CA GLU B 370 14.03 40.22 -9.55
C GLU B 370 14.25 38.95 -10.37
N ASP B 371 15.38 38.28 -10.15
CA ASP B 371 15.66 37.02 -10.84
C ASP B 371 14.97 35.82 -10.20
N GLU B 372 13.93 35.34 -10.88
CA GLU B 372 13.15 34.20 -10.41
C GLU B 372 13.99 32.94 -10.14
N ASN B 373 14.90 32.61 -11.04
CA ASN B 373 15.75 31.44 -10.83
C ASN B 373 16.56 31.53 -9.53
N THR B 374 17.13 32.70 -9.27
CA THR B 374 17.90 32.92 -8.03
C THR B 374 16.99 32.80 -6.78
N ALA B 375 15.84 33.48 -6.84
CA ALA B 375 14.85 33.47 -5.75
C ALA B 375 14.45 32.04 -5.41
N GLU B 376 14.14 31.25 -6.44
CA GLU B 376 13.69 29.88 -6.20
C GLU B 376 14.81 28.99 -5.66
N PHE B 377 16.04 29.28 -6.08
CA PHE B 377 17.21 28.58 -5.57
C PHE B 377 17.36 28.79 -4.04
N PHE B 378 17.33 30.06 -3.62
CA PHE B 378 17.37 30.48 -2.23
C PHE B 378 16.20 29.89 -1.41
N LEU B 379 15.00 29.93 -1.97
CA LEU B 379 13.81 29.39 -1.31
C LEU B 379 13.96 27.90 -1.04
N GLN B 380 14.57 27.20 -1.99
CA GLN B 380 14.74 25.76 -1.87
C GLN B 380 15.86 25.37 -0.91
N HIS B 381 16.92 26.18 -0.88
CA HIS B 381 18.16 25.77 -0.15
C HIS B 381 18.32 26.36 1.24
N VAL B 382 17.59 27.43 1.54
CA VAL B 382 17.58 27.96 2.90
C VAL B 382 16.65 27.08 3.79
N ASP B 383 17.19 26.61 4.89
CA ASP B 383 16.55 25.63 5.75
C ASP B 383 15.72 26.25 6.87
N SER B 384 15.40 27.54 6.79
CA SER B 384 14.69 28.18 7.88
C SER B 384 13.22 27.71 7.89
N ALA B 385 12.56 27.84 9.04
CA ALA B 385 11.13 27.59 9.12
C ALA B 385 10.36 28.45 8.09
N CYS B 386 10.77 29.70 7.94
CA CYS B 386 10.10 30.61 6.99
C CYS B 386 11.09 31.25 6.03
N VAL B 387 10.89 31.05 4.73
CA VAL B 387 11.75 31.67 3.72
C VAL B 387 10.91 32.50 2.75
N PHE B 388 11.25 33.79 2.62
CA PHE B 388 10.39 34.73 1.83
C PHE B 388 11.16 35.26 0.61
N TRP B 389 10.41 35.62 -0.43
CA TRP B 389 10.96 36.30 -1.58
C TRP B 389 10.21 37.63 -1.75
N ASN B 390 10.93 38.77 -1.62
CA ASN B 390 10.36 40.09 -1.88
C ASN B 390 9.14 40.39 -0.98
N ALA B 391 9.26 40.00 0.29
CA ALA B 391 8.33 40.35 1.36
C ALA B 391 9.16 40.53 2.62
N SER B 392 8.72 41.43 3.49
CA SER B 392 9.39 41.71 4.75
C SER B 392 9.52 40.50 5.70
N THR B 393 10.59 40.46 6.50
CA THR B 393 10.76 39.42 7.53
C THR B 393 9.56 39.40 8.48
N ARG B 394 8.84 40.51 8.56
CA ARG B 394 7.84 40.72 9.60
C ARG B 394 6.55 39.91 9.37
N PHE B 395 6.44 39.30 8.20
CA PHE B 395 5.26 38.54 7.88
C PHE B 395 5.09 37.21 8.64
N SER B 396 6.15 36.66 9.21
CA SER B 396 6.03 35.37 9.93
C SER B 396 5.22 35.58 11.22
N ASP B 397 3.93 35.20 11.15
CA ASP B 397 2.98 35.37 12.25
C ASP B 397 1.77 34.55 11.80
N GLY B 398 1.11 33.87 12.73
CA GLY B 398 -0.03 32.99 12.40
C GLY B 398 -1.20 33.72 11.75
N TYR B 399 -1.60 34.85 12.35
CA TYR B 399 -2.66 35.65 11.74
C TYR B 399 -2.25 36.12 10.34
N ARG B 400 -1.05 36.68 10.18
CA ARG B 400 -0.63 37.14 8.82
C ARG B 400 -0.62 36.01 7.81
N PHE B 401 -0.29 34.79 8.25
CA PHE B 401 -0.19 33.61 7.38
C PHE B 401 -1.56 32.98 7.03
N GLY B 402 -2.65 33.52 7.57
CA GLY B 402 -3.99 32.97 7.29
C GLY B 402 -4.38 31.81 8.21
N LEU B 403 -3.68 31.68 9.34
CA LEU B 403 -3.98 30.63 10.30
C LEU B 403 -5.00 31.10 11.35
N GLY B 404 -5.40 32.36 11.28
CA GLY B 404 -6.29 32.93 12.29
C GLY B 404 -5.55 33.41 13.53
N ALA B 405 -4.54 32.63 13.96
CA ALA B 405 -3.78 32.93 15.17
C ALA B 405 -2.63 31.93 15.27
N GLU B 406 -1.78 32.08 16.30
CA GLU B 406 -0.69 31.15 16.56
C GLU B 406 -0.61 30.93 18.05
N VAL B 407 -0.08 29.78 18.45
CA VAL B 407 0.28 29.61 19.86
C VAL B 407 1.71 30.11 20.10
N GLY B 408 2.45 30.32 19.01
CA GLY B 408 3.84 30.80 19.01
C GLY B 408 4.49 30.44 17.68
N ILE B 409 5.78 30.74 17.56
CA ILE B 409 6.58 30.35 16.38
C ILE B 409 7.65 29.36 16.85
N SER B 410 7.67 28.21 16.19
CA SER B 410 8.61 27.16 16.47
C SER B 410 9.76 27.08 15.45
N THR B 411 10.98 26.94 15.96
CA THR B 411 12.20 26.78 15.13
C THR B 411 12.73 25.34 15.19
N SER B 412 11.95 24.48 15.84
CA SER B 412 12.20 23.05 15.90
C SER B 412 11.99 22.43 14.52
N ARG B 413 12.69 21.34 14.23
CA ARG B 413 12.49 20.57 13.00
C ARG B 413 11.64 19.33 13.29
N ILE B 414 11.28 19.14 14.56
CA ILE B 414 10.33 18.09 14.89
C ILE B 414 8.96 18.70 15.25
N HIS B 415 7.91 17.95 14.95
CA HIS B 415 6.52 18.32 15.29
C HIS B 415 5.86 19.46 14.51
N ALA B 416 6.31 20.68 14.73
CA ALA B 416 5.68 21.85 14.13
C ALA B 416 6.70 22.96 13.95
N ARG B 417 6.70 23.53 12.75
CA ARG B 417 7.75 24.46 12.37
C ARG B 417 7.09 25.77 11.89
N GLY B 418 7.67 26.90 12.28
CA GLY B 418 7.08 28.17 11.91
C GLY B 418 5.96 28.54 12.88
N PRO B 419 5.08 29.47 12.46
CA PRO B 419 3.92 29.79 13.29
C PRO B 419 3.07 28.54 13.43
N VAL B 420 2.68 28.23 14.67
CA VAL B 420 2.01 26.97 14.98
C VAL B 420 0.51 27.31 15.20
N GLY B 421 -0.33 26.78 14.34
CA GLY B 421 -1.77 26.94 14.42
C GLY B 421 -2.36 25.69 15.06
N LEU B 422 -3.65 25.48 14.84
CA LEU B 422 -4.37 24.40 15.53
C LEU B 422 -3.81 23.05 15.18
N GLU B 423 -3.42 22.86 13.93
CA GLU B 423 -2.80 21.63 13.53
C GLU B 423 -1.58 21.19 14.29
N GLY B 424 -0.79 22.11 14.79
CA GLY B 424 0.34 21.73 15.68
C GLY B 424 -0.01 21.40 17.12
N LEU B 425 -1.30 21.47 17.45
CA LEU B 425 -1.82 21.06 18.75
C LEU B 425 -2.50 19.69 18.69
N LEU B 426 -2.28 18.99 17.59
CA LEU B 426 -2.82 17.63 17.38
C LEU B 426 -1.73 16.60 17.34
N THR B 427 -2.06 15.40 17.81
CA THR B 427 -1.19 14.24 17.56
C THR B 427 -2.03 13.19 16.84
N THR B 428 -1.64 11.92 16.88
CA THR B 428 -2.37 10.87 16.15
C THR B 428 -2.57 9.60 16.97
N LYS B 429 -3.47 8.75 16.46
CA LYS B 429 -3.76 7.47 17.08
C LYS B 429 -4.04 6.45 15.99
N TRP B 430 -3.48 5.26 16.14
CA TRP B 430 -3.72 4.16 15.21
C TRP B 430 -4.77 3.23 15.81
N LEU B 431 -5.81 3.01 15.02
CA LEU B 431 -6.92 2.15 15.44
C LEU B 431 -6.97 0.93 14.55
N LEU B 432 -6.94 -0.25 15.18
CA LEU B 432 -7.01 -1.48 14.40
C LEU B 432 -8.20 -2.33 14.87
N ARG B 433 -9.08 -2.64 13.93
CA ARG B 433 -10.29 -3.39 14.25
C ARG B 433 -10.21 -4.74 13.56
N GLY B 434 -10.15 -5.83 14.31
CA GLY B 434 -9.99 -7.13 13.69
C GLY B 434 -11.14 -8.05 14.03
N LYS B 435 -10.94 -9.34 13.74
CA LYS B 435 -11.91 -10.37 14.09
C LYS B 435 -11.40 -11.17 15.29
N ASP B 436 -10.30 -11.89 15.12
CA ASP B 436 -9.68 -12.65 16.18
C ASP B 436 -8.18 -12.74 15.86
N HIS B 437 -7.67 -11.67 15.24
CA HIS B 437 -6.41 -11.73 14.53
C HIS B 437 -5.15 -11.86 15.38
N VAL B 438 -4.29 -12.79 15.00
CA VAL B 438 -3.02 -13.07 15.68
C VAL B 438 -1.89 -13.03 14.66
N VAL B 439 -0.72 -12.53 15.08
CA VAL B 439 0.46 -12.41 14.21
C VAL B 439 1.03 -13.79 13.75
N SER B 440 0.94 -14.83 14.57
CA SER B 440 1.39 -16.18 14.17
C SER B 440 0.73 -16.66 12.87
N ASP B 441 -0.55 -16.33 12.69
CA ASP B 441 -1.33 -16.71 11.49
C ASP B 441 -0.72 -16.20 10.19
N PHE B 442 0.02 -15.09 10.28
CA PHE B 442 0.65 -14.45 9.11
C PHE B 442 2.12 -14.82 8.90
N SER B 443 2.63 -15.73 9.72
CA SER B 443 4.01 -16.17 9.64
C SER B 443 4.22 -17.00 8.39
N GLU B 444 5.47 -17.41 8.16
CA GLU B 444 5.85 -18.07 6.91
C GLU B 444 4.95 -19.27 6.60
N HIS B 445 4.65 -20.07 7.60
CA HIS B 445 3.91 -21.33 7.46
C HIS B 445 2.47 -21.20 7.94
N GLY B 446 2.00 -19.97 8.08
CA GLY B 446 0.67 -19.70 8.64
C GLY B 446 -0.37 -19.74 7.54
N SER B 447 -1.63 -19.45 7.90
CA SER B 447 -2.75 -19.60 6.99
C SER B 447 -3.10 -18.31 6.26
N LEU B 448 -2.61 -17.18 6.75
CA LEU B 448 -3.17 -15.89 6.32
C LEU B 448 -2.16 -15.04 5.57
N LYS B 449 -2.69 -14.23 4.66
CA LYS B 449 -1.86 -13.27 3.94
C LYS B 449 -2.33 -11.85 4.24
N TYR B 450 -1.37 -10.93 4.22
CA TYR B 450 -1.68 -9.51 4.26
C TYR B 450 -2.19 -9.07 2.90
N LEU B 451 -3.07 -8.08 2.91
CA LEU B 451 -3.51 -7.44 1.69
C LEU B 451 -2.83 -6.09 1.56
N HIS B 452 -2.68 -5.36 2.66
CA HIS B 452 -2.21 -3.97 2.64
C HIS B 452 -2.81 -3.10 1.51
N GLU B 453 -4.14 -3.01 1.49
CA GLU B 453 -4.84 -2.18 0.49
C GLU B 453 -5.27 -0.86 1.12
N ASN B 454 -4.68 0.23 0.63
CA ASN B 454 -5.04 1.56 1.09
C ASN B 454 -6.43 1.87 0.58
N LEU B 455 -7.29 2.42 1.43
CA LEU B 455 -8.70 2.65 1.06
C LEU B 455 -8.90 4.14 0.90
N PRO B 456 -9.92 4.56 0.12
CA PRO B 456 -10.08 6.01 -0.09
C PRO B 456 -10.47 6.74 1.19
N ILE B 457 -9.91 7.94 1.37
CA ILE B 457 -10.35 8.85 2.42
C ILE B 457 -10.86 10.17 1.83
N PRO B 458 -11.93 10.73 2.43
CA PRO B 458 -12.48 12.02 1.96
C PRO B 458 -11.39 13.10 1.85
N GLN B 459 -11.41 13.82 0.73
CA GLN B 459 -10.45 14.92 0.49
C GLN B 459 -10.85 16.13 1.34
N ARG B 460 -9.86 16.87 1.81
CA ARG B 460 -10.09 18.03 2.69
C ARG B 460 -10.76 19.20 1.96
N ASN B 461 -11.53 20.01 2.69
CA ASN B 461 -12.13 21.23 2.15
C ASN B 461 -11.10 22.37 2.15
N THR B 462 -11.06 23.15 1.07
CA THR B 462 -10.05 24.22 0.91
C THR B 462 -10.44 25.54 1.60
#